data_4KZA
#
_entry.id   4KZA
#
_cell.length_a   118.620
_cell.length_b   76.630
_cell.length_c   97.980
_cell.angle_alpha   90.00
_cell.angle_beta   116.91
_cell.angle_gamma   90.00
#
_symmetry.space_group_name_H-M   'C 1 2 1'
#
loop_
_entity.id
_entity.type
_entity.pdbx_description
1 polymer Beta-lactamase
2 non-polymer '3-(cyclopropylsulfamoyl)thiophene-2-carboxylic acid'
3 non-polymer 'PHOSPHATE ION'
4 water water
#
_entity_poly.entity_id   1
_entity_poly.type   'polypeptide(L)'
_entity_poly.pdbx_seq_one_letter_code
;APQQINDIVHRTITPLIEQQKIPGMAVAVIYQGKPYYFTWGYADIAKKQPVTQQTLFELGSVSKTFTGVLGGDAIARGEI
KLSDPTTKYWPELTAKQWNGITLLHLATYTAGGLPLQVPDEVKSSSDLLRFYQNWQPAWAPGTQRLYANSSIGLFGALAV
KPSGLSFEQAMQTRVFQPLKLNHTWINVPPAEEKNYAWGYREGKAVHVSPGALDAEAYGVKSTIEDMARWVQSNLKPLDI
NEKTLQQGIQLAQSRYWQTGDMYQGLGWEMLDWPVNPDSIINGSDNKIALAARPVKAITPPTPAVRASWVHKTGATGGFG
SYVAFIPEKELGIVMLANKNYPNPARVDAAWQILNALQ
;
_entity_poly.pdbx_strand_id   A,B
#
loop_
_chem_comp.id
_chem_comp.type
_chem_comp.name
_chem_comp.formula
NZ9 non-polymer '3-(cyclopropylsulfamoyl)thiophene-2-carboxylic acid' 'C8 H9 N O4 S2'
PO4 non-polymer 'PHOSPHATE ION' 'O4 P -3'
#
# COMPACT_ATOMS: atom_id res chain seq x y z
N ALA A 1 5.32 21.95 31.80
CA ALA A 1 5.00 21.83 30.37
C ALA A 1 5.41 23.13 29.69
N PRO A 2 5.63 23.08 28.36
CA PRO A 2 5.95 24.32 27.66
C PRO A 2 4.83 25.33 27.79
N GLN A 3 5.16 26.57 28.14
CA GLN A 3 4.10 27.52 28.40
C GLN A 3 3.18 27.77 27.21
N GLN A 4 3.74 27.74 25.99
CA GLN A 4 2.90 27.92 24.80
C GLN A 4 1.78 26.86 24.72
N ILE A 5 2.10 25.62 25.06
CA ILE A 5 1.11 24.57 24.97
C ILE A 5 0.09 24.76 26.10
N ASN A 6 0.59 25.01 27.31
CA ASN A 6 -0.27 25.29 28.45
C ASN A 6 -1.29 26.37 28.07
N ASP A 7 -0.77 27.45 27.53
CA ASP A 7 -1.59 28.63 27.28
C ASP A 7 -2.60 28.39 26.20
N ILE A 8 -2.17 27.80 25.09
CA ILE A 8 -3.13 27.56 24.00
C ILE A 8 -4.22 26.56 24.40
N VAL A 9 -3.84 25.51 25.14
CA VAL A 9 -4.82 24.52 25.51
C VAL A 9 -5.83 25.11 26.50
N HIS A 10 -5.33 25.72 27.58
CA HIS A 10 -6.23 26.31 28.56
C HIS A 10 -7.13 27.40 27.99
N ARG A 11 -6.56 28.29 27.19
N ARG A 11 -6.53 28.30 27.20
CA ARG A 11 -7.37 29.37 26.66
CA ARG A 11 -7.28 29.40 26.58
C ARG A 11 -8.40 28.94 25.63
C ARG A 11 -8.42 28.89 25.70
N THR A 12 -8.21 27.75 25.07
CA THR A 12 -9.20 27.20 24.14
C THR A 12 -10.25 26.33 24.85
N ILE A 13 -9.79 25.44 25.70
CA ILE A 13 -10.68 24.47 26.33
C ILE A 13 -11.55 25.02 27.48
N THR A 14 -11.02 25.95 28.27
CA THR A 14 -11.81 26.53 29.36
C THR A 14 -13.15 27.12 28.87
N PRO A 15 -13.10 28.00 27.85
CA PRO A 15 -14.36 28.54 27.32
C PRO A 15 -15.23 27.47 26.68
N LEU A 16 -14.61 26.45 26.04
CA LEU A 16 -15.38 25.39 25.41
C LEU A 16 -16.20 24.67 26.47
N ILE A 17 -15.55 24.29 27.57
CA ILE A 17 -16.22 23.60 28.69
C ILE A 17 -17.36 24.43 29.27
N GLU A 18 -17.14 25.73 29.40
CA GLU A 18 -18.18 26.62 29.94
C GLU A 18 -19.37 26.72 28.98
N GLN A 19 -19.08 26.96 27.71
CA GLN A 19 -20.12 27.16 26.73
C GLN A 19 -20.93 25.90 26.49
N GLN A 20 -20.26 24.74 26.51
CA GLN A 20 -20.94 23.50 26.17
C GLN A 20 -21.46 22.75 27.41
N LYS A 21 -21.22 23.31 28.60
CA LYS A 21 -21.59 22.68 29.87
C LYS A 21 -21.11 21.24 29.93
N ILE A 22 -19.83 21.05 29.65
CA ILE A 22 -19.21 19.72 29.71
C ILE A 22 -18.77 19.41 31.15
N PRO A 23 -19.21 18.26 31.69
CA PRO A 23 -18.89 17.98 33.10
C PRO A 23 -17.41 17.65 33.35
N GLY A 24 -16.78 16.95 32.40
CA GLY A 24 -15.42 16.47 32.55
C GLY A 24 -14.74 16.34 31.20
N MET A 25 -13.42 16.61 31.16
CA MET A 25 -12.74 16.57 29.88
C MET A 25 -11.28 16.24 30.09
N ALA A 26 -10.70 15.49 29.16
CA ALA A 26 -9.25 15.26 29.18
C ALA A 26 -8.72 15.59 27.81
N VAL A 27 -7.56 16.22 27.75
CA VAL A 27 -6.94 16.56 26.46
C VAL A 27 -5.49 16.12 26.49
N ALA A 28 -5.04 15.57 25.38
CA ALA A 28 -3.61 15.34 25.20
C ALA A 28 -3.15 16.11 24.00
N VAL A 29 -2.02 16.82 24.09
CA VAL A 29 -1.39 17.35 22.89
C VAL A 29 -0.11 16.57 22.69
N ILE A 30 0.09 16.05 21.47
CA ILE A 30 1.35 15.42 21.09
C ILE A 30 2.12 16.46 20.28
N TYR A 31 3.30 16.86 20.77
CA TYR A 31 4.08 17.97 20.22
C TYR A 31 5.48 17.47 20.04
N GLN A 32 5.99 17.54 18.80
CA GLN A 32 7.25 16.90 18.44
C GLN A 32 7.30 15.49 19.01
N GLY A 33 6.19 14.80 18.92
CA GLY A 33 6.16 13.40 19.35
C GLY A 33 5.96 13.06 20.82
N LYS A 34 5.96 14.06 21.71
CA LYS A 34 5.79 13.87 23.16
C LYS A 34 4.39 14.31 23.63
N PRO A 35 3.78 13.58 24.59
CA PRO A 35 2.42 13.95 25.02
C PRO A 35 2.42 14.88 26.21
N TYR A 36 1.45 15.79 26.20
CA TYR A 36 1.20 16.69 27.33
C TYR A 36 -0.26 16.60 27.68
N TYR A 37 -0.55 16.45 28.98
CA TYR A 37 -1.91 16.09 29.39
C TYR A 37 -2.57 17.18 30.21
N PHE A 38 -3.87 17.29 30.05
CA PHE A 38 -4.67 18.31 30.74
C PHE A 38 -6.00 17.68 31.10
N THR A 39 -6.49 17.98 32.33
CA THR A 39 -7.81 17.45 32.71
C THR A 39 -8.63 18.51 33.42
N TRP A 40 -9.95 18.36 33.35
CA TRP A 40 -10.87 19.29 33.99
C TRP A 40 -12.07 18.55 34.49
N GLY A 41 -12.63 18.99 35.63
CA GLY A 41 -13.98 18.55 35.94
C GLY A 41 -14.09 17.10 36.41
N TYR A 42 -15.26 16.54 36.15
CA TYR A 42 -15.71 15.34 36.88
C TYR A 42 -16.02 14.16 35.95
N ALA A 43 -15.44 13.01 36.31
CA ALA A 43 -15.80 11.72 35.73
C ALA A 43 -17.14 11.24 36.26
N ASP A 44 -17.41 11.54 37.54
CA ASP A 44 -18.67 11.12 38.18
C ASP A 44 -19.06 12.28 39.05
N ILE A 45 -20.08 13.00 38.63
CA ILE A 45 -20.50 14.17 39.41
C ILE A 45 -21.04 13.81 40.79
N ALA A 46 -21.92 12.81 40.84
CA ALA A 46 -22.50 12.42 42.12
C ALA A 46 -21.47 11.97 43.16
N LYS A 47 -20.45 11.24 42.72
CA LYS A 47 -19.42 10.74 43.63
C LYS A 47 -18.22 11.69 43.75
N LYS A 48 -18.31 12.83 43.09
CA LYS A 48 -17.25 13.83 43.11
C LYS A 48 -15.90 13.31 42.67
N GLN A 49 -15.91 12.40 41.71
CA GLN A 49 -14.66 11.84 41.18
C GLN A 49 -14.18 12.73 40.05
N PRO A 50 -12.94 13.23 40.14
CA PRO A 50 -12.37 14.09 39.10
C PRO A 50 -11.94 13.27 37.89
N VAL A 51 -11.91 13.93 36.73
CA VAL A 51 -11.22 13.37 35.54
C VAL A 51 -9.73 13.34 35.84
N THR A 52 -9.14 12.20 35.62
CA THR A 52 -7.69 12.02 35.72
C THR A 52 -7.10 11.43 34.43
N GLN A 53 -5.79 11.25 34.40
CA GLN A 53 -5.18 10.64 33.21
C GLN A 53 -5.51 9.16 33.10
N GLN A 54 -6.13 8.59 34.14
N GLN A 54 -6.12 8.58 34.14
CA GLN A 54 -6.54 7.18 34.16
CA GLN A 54 -6.54 7.18 34.14
C GLN A 54 -8.05 7.00 33.91
C GLN A 54 -8.05 7.00 33.91
N THR A 55 -8.79 8.11 33.74
CA THR A 55 -10.22 8.00 33.52
C THR A 55 -10.52 7.38 32.15
N LEU A 56 -11.40 6.39 32.12
CA LEU A 56 -11.88 5.83 30.84
C LEU A 56 -13.08 6.60 30.32
N PHE A 57 -13.03 6.91 29.00
CA PHE A 57 -14.11 7.55 28.30
C PHE A 57 -14.58 6.63 27.16
N GLU A 58 -15.86 6.68 26.84
CA GLU A 58 -16.38 5.99 25.64
C GLU A 58 -15.96 6.77 24.43
N LEU A 59 -15.25 6.06 23.54
CA LEU A 59 -14.79 6.72 22.31
C LEU A 59 -15.84 6.87 21.22
N GLY A 60 -16.92 6.09 21.32
CA GLY A 60 -17.93 6.08 20.26
C GLY A 60 -17.26 5.76 18.92
N SER A 61 -17.60 6.54 17.90
CA SER A 61 -17.13 6.24 16.53
C SER A 61 -15.62 6.43 16.34
N VAL A 62 -14.93 7.00 17.33
CA VAL A 62 -13.46 6.98 17.20
C VAL A 62 -12.96 5.52 17.21
N SER A 63 -13.76 4.64 17.78
CA SER A 63 -13.48 3.19 17.73
C SER A 63 -13.19 2.70 16.31
N LYS A 64 -13.83 3.32 15.32
CA LYS A 64 -13.66 2.91 13.91
C LYS A 64 -12.22 3.01 13.46
N THR A 65 -11.44 3.89 14.06
CA THR A 65 -10.01 3.90 13.71
C THR A 65 -9.29 2.62 14.15
N PHE A 66 -9.66 2.06 15.28
CA PHE A 66 -9.07 0.79 15.71
C PHE A 66 -9.56 -0.31 14.76
N THR A 67 -10.84 -0.31 14.43
CA THR A 67 -11.35 -1.34 13.50
C THR A 67 -10.60 -1.27 12.19
N GLY A 68 -10.38 -0.06 11.69
CA GLY A 68 -9.72 0.08 10.39
C GLY A 68 -8.31 -0.44 10.44
N VAL A 69 -7.58 -0.10 11.50
CA VAL A 69 -6.23 -0.59 11.68
C VAL A 69 -6.17 -2.09 11.90
N LEU A 70 -7.11 -2.65 12.66
CA LEU A 70 -7.16 -4.13 12.81
C LEU A 70 -7.39 -4.79 11.47
N GLY A 71 -8.26 -4.21 10.66
CA GLY A 71 -8.51 -4.73 9.30
C GLY A 71 -7.26 -4.62 8.45
N GLY A 72 -6.57 -3.48 8.55
CA GLY A 72 -5.31 -3.30 7.82
C GLY A 72 -4.27 -4.35 8.22
N ASP A 73 -4.19 -4.64 9.51
CA ASP A 73 -3.27 -5.67 10.01
C ASP A 73 -3.58 -7.05 9.41
N ALA A 74 -4.85 -7.36 9.24
CA ALA A 74 -5.26 -8.63 8.68
C ALA A 74 -4.90 -8.68 7.20
N ILE A 75 -5.04 -7.55 6.49
CA ILE A 75 -4.55 -7.51 5.11
C ILE A 75 -3.05 -7.78 5.08
N ALA A 76 -2.32 -7.13 6.00
CA ALA A 76 -0.86 -7.28 5.98
C ALA A 76 -0.44 -8.72 6.35
N ARG A 77 -1.26 -9.38 7.17
CA ARG A 77 -1.04 -10.80 7.49
C ARG A 77 -1.37 -11.76 6.37
N GLY A 78 -2.03 -11.26 5.32
CA GLY A 78 -2.47 -12.09 4.20
C GLY A 78 -3.74 -12.88 4.50
N GLU A 79 -4.49 -12.47 5.53
CA GLU A 79 -5.70 -13.20 5.93
C GLU A 79 -6.91 -12.78 5.11
N ILE A 80 -6.94 -11.51 4.73
CA ILE A 80 -8.03 -10.96 3.91
C ILE A 80 -7.46 -10.02 2.85
N LYS A 81 -8.27 -9.70 1.84
CA LYS A 81 -7.94 -8.66 0.86
C LYS A 81 -9.15 -7.74 0.76
N LEU A 82 -8.90 -6.44 0.64
CA LEU A 82 -10.02 -5.52 0.49
C LEU A 82 -10.83 -5.74 -0.81
N SER A 83 -10.18 -6.33 -1.80
CA SER A 83 -10.84 -6.66 -3.05
C SER A 83 -11.71 -7.91 -2.93
N ASP A 84 -11.64 -8.64 -1.80
CA ASP A 84 -12.45 -9.89 -1.61
C ASP A 84 -13.95 -9.51 -1.59
N PRO A 85 -14.79 -10.27 -2.26
CA PRO A 85 -16.24 -10.12 -2.12
C PRO A 85 -16.64 -10.42 -0.68
N THR A 86 -17.62 -9.67 -0.16
CA THR A 86 -18.12 -9.91 1.18
C THR A 86 -18.53 -11.38 1.34
N THR A 87 -19.13 -11.95 0.30
CA THR A 87 -19.61 -13.34 0.35
C THR A 87 -18.52 -14.39 0.57
N LYS A 88 -17.26 -14.04 0.30
CA LYS A 88 -16.20 -15.01 0.55
C LYS A 88 -16.14 -15.37 2.02
N TYR A 89 -16.45 -14.37 2.88
CA TYR A 89 -16.34 -14.51 4.33
C TYR A 89 -17.67 -14.78 4.99
N TRP A 90 -18.75 -14.72 4.22
CA TRP A 90 -20.10 -14.95 4.74
C TRP A 90 -20.90 -15.62 3.65
N PRO A 91 -20.65 -16.91 3.45
CA PRO A 91 -21.23 -17.63 2.31
C PRO A 91 -22.75 -17.69 2.38
N GLU A 92 -23.33 -17.53 3.57
CA GLU A 92 -24.79 -17.55 3.69
C GLU A 92 -25.43 -16.28 3.11
N LEU A 93 -24.61 -15.28 2.83
CA LEU A 93 -25.09 -14.06 2.24
C LEU A 93 -25.29 -14.26 0.70
N THR A 94 -26.36 -14.94 0.34
CA THR A 94 -26.56 -15.36 -1.03
C THR A 94 -27.36 -14.38 -1.88
N ALA A 95 -27.91 -13.34 -1.27
CA ALA A 95 -28.80 -12.47 -2.02
C ALA A 95 -28.01 -11.74 -3.13
N LYS A 96 -28.64 -11.62 -4.30
CA LYS A 96 -27.99 -11.12 -5.50
C LYS A 96 -27.40 -9.72 -5.40
N GLN A 97 -27.97 -8.89 -4.54
CA GLN A 97 -27.49 -7.51 -4.41
C GLN A 97 -26.08 -7.45 -3.80
N TRP A 98 -25.61 -8.57 -3.25
CA TRP A 98 -24.27 -8.65 -2.67
C TRP A 98 -23.19 -8.89 -3.72
N ASN A 99 -23.61 -9.26 -4.94
CA ASN A 99 -22.64 -9.44 -6.02
C ASN A 99 -21.91 -8.13 -6.27
N GLY A 100 -20.61 -8.13 -6.09
CA GLY A 100 -19.86 -6.93 -6.37
C GLY A 100 -19.60 -6.06 -5.17
N ILE A 101 -20.17 -6.41 -4.01
CA ILE A 101 -19.88 -5.62 -2.81
C ILE A 101 -18.70 -6.24 -2.10
N THR A 102 -17.60 -5.49 -2.03
CA THR A 102 -16.35 -6.02 -1.45
C THR A 102 -16.10 -5.54 -0.03
N LEU A 103 -15.09 -6.13 0.63
CA LEU A 103 -14.68 -5.69 1.95
C LEU A 103 -14.30 -4.19 1.90
N LEU A 104 -13.71 -3.73 0.79
CA LEU A 104 -13.40 -2.29 0.66
C LEU A 104 -14.67 -1.47 0.82
N HIS A 105 -15.74 -1.89 0.11
CA HIS A 105 -17.00 -1.11 0.19
C HIS A 105 -17.53 -1.08 1.62
N LEU A 106 -17.49 -2.21 2.31
CA LEU A 106 -17.94 -2.21 3.71
C LEU A 106 -17.09 -1.31 4.57
N ALA A 107 -15.78 -1.41 4.42
CA ALA A 107 -14.93 -0.61 5.31
C ALA A 107 -15.04 0.90 5.15
N THR A 108 -15.46 1.34 3.95
CA THR A 108 -15.41 2.75 3.57
C THR A 108 -16.81 3.37 3.34
N TYR A 109 -17.88 2.62 3.69
CA TYR A 109 -19.26 3.11 3.63
C TYR A 109 -19.77 3.31 2.21
N THR A 110 -19.21 2.53 1.27
CA THR A 110 -19.51 2.73 -0.16
C THR A 110 -20.25 1.52 -0.75
N ALA A 111 -20.84 0.69 0.11
CA ALA A 111 -21.54 -0.51 -0.40
C ALA A 111 -22.82 -0.22 -1.17
N GLY A 112 -23.34 1.00 -1.00
CA GLY A 112 -24.53 1.40 -1.72
C GLY A 112 -25.72 1.74 -0.85
N GLY A 113 -25.48 2.22 0.34
CA GLY A 113 -26.56 2.71 1.19
C GLY A 113 -26.93 1.80 2.36
N LEU A 114 -25.96 1.06 2.90
CA LEU A 114 -26.21 0.36 4.16
C LEU A 114 -26.49 1.41 5.23
N PRO A 115 -27.40 1.09 6.15
CA PRO A 115 -27.94 2.12 7.02
C PRO A 115 -27.04 2.54 8.17
N LEU A 116 -27.31 3.73 8.69
CA LEU A 116 -26.46 4.29 9.73
C LEU A 116 -26.35 3.32 10.91
N GLN A 117 -27.48 2.74 11.31
CA GLN A 117 -27.44 1.84 12.45
C GLN A 117 -27.93 0.48 12.06
N VAL A 118 -27.41 -0.55 12.71
CA VAL A 118 -28.10 -1.83 12.69
C VAL A 118 -29.38 -1.71 13.52
N PRO A 119 -30.51 -2.19 13.01
CA PRO A 119 -31.75 -2.00 13.78
C PRO A 119 -31.67 -2.62 15.17
N ASP A 120 -32.26 -1.96 16.16
CA ASP A 120 -32.17 -2.49 17.52
C ASP A 120 -32.88 -3.84 17.64
N GLU A 121 -33.82 -4.10 16.74
CA GLU A 121 -34.54 -5.38 16.68
C GLU A 121 -33.59 -6.56 16.44
N VAL A 122 -32.45 -6.29 15.82
CA VAL A 122 -31.48 -7.36 15.58
C VAL A 122 -30.80 -7.79 16.88
N LYS A 123 -31.23 -8.93 17.41
CA LYS A 123 -30.73 -9.43 18.69
C LYS A 123 -30.10 -10.83 18.61
N SER A 124 -29.91 -11.35 17.39
CA SER A 124 -29.26 -12.64 17.21
C SER A 124 -28.45 -12.73 15.93
N SER A 125 -27.70 -13.81 15.80
CA SER A 125 -26.94 -14.07 14.59
C SER A 125 -27.88 -14.26 13.39
N SER A 126 -28.98 -15.00 13.59
CA SER A 126 -29.92 -15.23 12.50
C SER A 126 -30.61 -13.93 12.12
N ASP A 127 -30.93 -13.10 13.11
CA ASP A 127 -31.44 -11.74 12.85
C ASP A 127 -30.48 -10.92 11.95
N LEU A 128 -29.17 -10.96 12.25
CA LEU A 128 -28.18 -10.18 11.51
C LEU A 128 -28.13 -10.64 10.06
N LEU A 129 -28.14 -11.96 9.87
CA LEU A 129 -28.18 -12.52 8.52
C LEU A 129 -29.42 -12.04 7.77
N ARG A 130 -30.59 -12.13 8.40
CA ARG A 130 -31.79 -11.69 7.71
C ARG A 130 -31.67 -10.25 7.33
N PHE A 131 -31.11 -9.43 8.22
CA PHE A 131 -31.01 -7.99 7.97
C PHE A 131 -30.19 -7.68 6.71
N TYR A 132 -29.02 -8.30 6.60
CA TYR A 132 -28.15 -8.03 5.46
C TYR A 132 -28.69 -8.68 4.20
N GLN A 133 -29.30 -9.86 4.32
CA GLN A 133 -29.89 -10.48 3.15
C GLN A 133 -31.01 -9.63 2.57
N ASN A 134 -31.77 -9.00 3.44
CA ASN A 134 -32.96 -8.28 2.99
C ASN A 134 -32.74 -6.81 2.64
N TRP A 135 -31.56 -6.31 3.00
CA TRP A 135 -31.24 -4.91 2.72
C TRP A 135 -31.19 -4.66 1.22
N GLN A 136 -31.86 -3.61 0.75
CA GLN A 136 -31.79 -3.29 -0.69
C GLN A 136 -31.01 -2.00 -0.92
N PRO A 137 -29.89 -2.05 -1.67
CA PRO A 137 -29.08 -0.85 -1.90
C PRO A 137 -29.81 0.17 -2.75
N ALA A 138 -29.53 1.42 -2.43
CA ALA A 138 -30.04 2.53 -3.20
C ALA A 138 -29.16 2.79 -4.42
N TRP A 139 -27.88 2.42 -4.32
CA TRP A 139 -26.89 2.81 -5.34
C TRP A 139 -26.01 1.64 -5.67
N ALA A 140 -25.40 1.66 -6.85
CA ALA A 140 -24.39 0.66 -7.20
C ALA A 140 -23.22 0.74 -6.24
N PRO A 141 -22.53 -0.37 -6.02
CA PRO A 141 -21.36 -0.30 -5.14
C PRO A 141 -20.31 0.67 -5.66
N GLY A 142 -19.61 1.32 -4.73
CA GLY A 142 -18.53 2.21 -5.11
C GLY A 142 -18.90 3.50 -5.80
N THR A 143 -20.09 4.02 -5.52
CA THR A 143 -20.55 5.23 -6.18
C THR A 143 -20.92 6.31 -5.18
N GLN A 144 -21.43 5.94 -4.00
CA GLN A 144 -21.78 6.97 -2.99
C GLN A 144 -21.36 6.53 -1.60
N ARG A 145 -20.95 7.50 -0.78
CA ARG A 145 -20.57 7.26 0.60
C ARG A 145 -21.74 7.64 1.50
N LEU A 146 -22.09 6.74 2.41
CA LEU A 146 -23.10 7.03 3.43
C LEU A 146 -22.59 6.45 4.73
N TYR A 147 -22.16 7.31 5.64
CA TYR A 147 -21.58 6.85 6.88
C TYR A 147 -22.52 5.86 7.57
N ALA A 148 -21.96 4.72 7.98
CA ALA A 148 -22.83 3.66 8.48
C ALA A 148 -22.12 2.67 9.43
N ASN A 149 -22.67 2.54 10.63
CA ASN A 149 -22.21 1.48 11.52
C ASN A 149 -22.44 0.11 10.96
N SER A 150 -23.51 -0.11 10.18
CA SER A 150 -23.80 -1.41 9.62
C SER A 150 -22.79 -1.80 8.53
N SER A 151 -22.05 -0.81 8.03
CA SER A 151 -21.08 -1.03 6.97
C SER A 151 -19.75 -1.40 7.57
N ILE A 152 -19.11 -0.47 8.29
CA ILE A 152 -17.82 -0.78 8.87
C ILE A 152 -17.92 -1.82 9.98
N GLY A 153 -19.07 -1.92 10.64
CA GLY A 153 -19.26 -2.94 11.68
C GLY A 153 -19.17 -4.34 11.07
N LEU A 154 -19.77 -4.53 9.90
CA LEU A 154 -19.70 -5.86 9.25
C LEU A 154 -18.29 -6.11 8.77
N PHE A 155 -17.63 -5.07 8.23
CA PHE A 155 -16.20 -5.21 7.84
C PHE A 155 -15.35 -5.74 8.99
N GLY A 156 -15.49 -5.13 10.18
CA GLY A 156 -14.72 -5.59 11.32
C GLY A 156 -14.98 -7.04 11.67
N ALA A 157 -16.25 -7.42 11.68
CA ALA A 157 -16.61 -8.81 12.02
C ALA A 157 -16.03 -9.78 11.01
N LEU A 158 -16.12 -9.43 9.72
CA LEU A 158 -15.62 -10.37 8.69
C LEU A 158 -14.09 -10.38 8.63
N ALA A 159 -13.45 -9.24 8.89
CA ALA A 159 -11.98 -9.16 8.77
C ALA A 159 -11.26 -10.11 9.72
N VAL A 160 -11.87 -10.39 10.89
CA VAL A 160 -11.21 -11.27 11.83
C VAL A 160 -11.59 -12.76 11.64
N LYS A 161 -12.46 -13.10 10.67
CA LYS A 161 -12.92 -14.49 10.56
C LYS A 161 -11.79 -15.47 10.24
N PRO A 162 -10.89 -15.15 9.29
CA PRO A 162 -9.83 -16.15 9.04
C PRO A 162 -8.92 -16.42 10.26
N SER A 163 -8.66 -15.41 11.11
CA SER A 163 -7.86 -15.63 12.32
C SER A 163 -8.46 -16.66 13.27
N GLY A 164 -9.77 -16.85 13.21
CA GLY A 164 -10.43 -17.67 14.20
C GLY A 164 -10.71 -16.99 15.54
N LEU A 165 -10.23 -15.75 15.71
CA LEU A 165 -10.35 -15.02 16.97
C LEU A 165 -11.64 -14.22 16.94
N SER A 166 -12.23 -14.01 18.12
CA SER A 166 -13.30 -13.05 18.20
C SER A 166 -12.75 -11.67 17.89
N PHE A 167 -13.65 -10.77 17.56
CA PHE A 167 -13.21 -9.41 17.26
C PHE A 167 -12.44 -8.83 18.45
N GLU A 168 -12.96 -9.05 19.67
CA GLU A 168 -12.33 -8.51 20.86
C GLU A 168 -10.94 -9.15 21.12
N GLN A 169 -10.83 -10.47 20.98
N GLN A 169 -10.83 -10.48 20.98
CA GLN A 169 -9.54 -11.14 21.14
CA GLN A 169 -9.53 -11.15 21.12
C GLN A 169 -8.52 -10.67 20.09
C GLN A 169 -8.53 -10.62 20.10
N ALA A 170 -8.98 -10.47 18.85
CA ALA A 170 -8.10 -10.01 17.80
C ALA A 170 -7.62 -8.61 18.11
N MET A 171 -8.56 -7.75 18.50
CA MET A 171 -8.17 -6.36 18.80
C MET A 171 -7.18 -6.31 19.96
N GLN A 172 -7.48 -7.04 21.03
CA GLN A 172 -6.57 -7.07 22.19
C GLN A 172 -5.18 -7.56 21.82
N THR A 173 -5.11 -8.69 21.10
CA THR A 173 -3.81 -9.34 20.95
C THR A 173 -3.02 -8.73 19.81
N ARG A 174 -3.72 -8.13 18.84
CA ARG A 174 -3.04 -7.64 17.64
C ARG A 174 -2.86 -6.14 17.56
N VAL A 175 -3.62 -5.39 18.35
CA VAL A 175 -3.52 -3.93 18.34
C VAL A 175 -3.23 -3.38 19.73
N PHE A 176 -4.10 -3.68 20.70
CA PHE A 176 -3.91 -3.06 22.02
C PHE A 176 -2.62 -3.51 22.68
N GLN A 177 -2.39 -4.82 22.71
CA GLN A 177 -1.22 -5.33 23.43
C GLN A 177 0.11 -4.86 22.84
N PRO A 178 0.31 -4.99 21.50
CA PRO A 178 1.62 -4.57 20.94
C PRO A 178 1.92 -3.09 21.12
N LEU A 179 0.86 -2.28 21.16
CA LEU A 179 1.01 -0.84 21.39
C LEU A 179 0.95 -0.43 22.86
N LYS A 180 0.92 -1.41 23.74
CA LYS A 180 0.91 -1.14 25.20
C LYS A 180 -0.22 -0.21 25.58
N LEU A 181 -1.40 -0.44 24.98
CA LEU A 181 -2.60 0.24 25.37
C LEU A 181 -3.29 -0.65 26.42
N ASN A 182 -2.77 -0.58 27.65
CA ASN A 182 -3.16 -1.49 28.69
C ASN A 182 -4.41 -1.03 29.47
N HIS A 183 -4.94 0.13 29.09
CA HIS A 183 -6.18 0.67 29.68
C HIS A 183 -7.16 1.08 28.61
N THR A 184 -7.22 0.23 27.57
CA THR A 184 -8.13 0.38 26.44
C THR A 184 -8.89 -0.95 26.29
N TRP A 185 -10.21 -0.84 26.19
CA TRP A 185 -11.08 -1.98 26.35
C TRP A 185 -12.25 -1.93 25.41
N ILE A 186 -12.68 -3.11 24.95
CA ILE A 186 -14.00 -3.19 24.32
C ILE A 186 -15.09 -3.45 25.36
N ASN A 187 -14.76 -4.27 26.36
CA ASN A 187 -15.64 -4.47 27.51
C ASN A 187 -14.87 -4.04 28.78
N VAL A 188 -15.38 -3.04 29.51
CA VAL A 188 -14.65 -2.55 30.68
C VAL A 188 -14.63 -3.61 31.78
N PRO A 189 -13.45 -4.04 32.21
CA PRO A 189 -13.40 -5.10 33.23
C PRO A 189 -13.70 -4.54 34.61
N PRO A 190 -14.12 -5.39 35.54
CA PRO A 190 -14.40 -4.94 36.90
C PRO A 190 -13.23 -4.20 37.52
N ALA A 191 -11.99 -4.63 37.22
CA ALA A 191 -10.82 -3.93 37.77
C ALA A 191 -10.74 -2.44 37.44
N GLU A 192 -11.40 -2.02 36.36
N GLU A 192 -11.43 -2.03 36.37
CA GLU A 192 -11.29 -0.63 35.86
CA GLU A 192 -11.35 -0.69 35.81
C GLU A 192 -12.58 0.14 36.11
C GLU A 192 -12.53 0.15 36.19
N GLU A 193 -13.55 -0.48 36.74
CA GLU A 193 -14.80 0.22 37.01
C GLU A 193 -14.67 1.53 37.77
N LYS A 194 -13.71 1.61 38.71
CA LYS A 194 -13.53 2.81 39.49
C LYS A 194 -13.06 3.99 38.60
N ASN A 195 -12.47 3.67 37.45
CA ASN A 195 -11.97 4.69 36.52
C ASN A 195 -12.92 5.02 35.38
N TYR A 196 -14.05 4.32 35.27
CA TYR A 196 -14.88 4.47 34.09
C TYR A 196 -15.82 5.64 34.36
N ALA A 197 -15.60 6.74 33.62
CA ALA A 197 -16.48 7.91 33.77
C ALA A 197 -17.94 7.57 33.43
N TRP A 198 -18.87 8.29 34.05
CA TRP A 198 -20.24 8.30 33.55
C TRP A 198 -20.30 9.29 32.40
N GLY A 199 -21.13 8.95 31.41
CA GLY A 199 -21.51 9.94 30.40
C GLY A 199 -22.72 10.67 30.90
N TYR A 200 -22.94 11.87 30.37
CA TYR A 200 -24.05 12.67 30.80
C TYR A 200 -24.85 13.14 29.60
N ARG A 201 -26.13 12.83 29.61
CA ARG A 201 -27.01 13.19 28.53
C ARG A 201 -28.20 13.83 29.21
N GLU A 202 -28.41 15.12 28.96
CA GLU A 202 -29.46 15.90 29.60
C GLU A 202 -29.31 15.83 31.11
N GLY A 203 -28.06 15.83 31.56
CA GLY A 203 -27.78 15.73 32.99
C GLY A 203 -27.91 14.36 33.64
N LYS A 204 -28.33 13.34 32.89
CA LYS A 204 -28.49 12.00 33.48
C LYS A 204 -27.24 11.15 33.16
N ALA A 205 -26.78 10.39 34.15
CA ALA A 205 -25.58 9.56 33.98
C ALA A 205 -25.95 8.36 33.16
N VAL A 206 -25.17 8.10 32.13
CA VAL A 206 -25.45 7.01 31.20
C VAL A 206 -24.18 6.39 30.65
N HIS A 207 -24.28 5.09 30.35
CA HIS A 207 -23.23 4.37 29.61
C HIS A 207 -23.84 3.76 28.35
N VAL A 208 -22.98 3.46 27.40
CA VAL A 208 -23.43 2.92 26.12
C VAL A 208 -24.18 1.61 26.30
N SER A 209 -25.26 1.44 25.52
CA SER A 209 -26.08 0.24 25.58
C SER A 209 -25.47 -0.81 24.64
N PRO A 210 -25.67 -2.10 24.95
CA PRO A 210 -25.25 -3.18 24.03
C PRO A 210 -26.00 -3.13 22.73
N GLY A 211 -25.34 -3.40 21.61
CA GLY A 211 -26.04 -3.51 20.35
C GLY A 211 -25.24 -4.38 19.39
N ALA A 212 -25.90 -4.81 18.33
CA ALA A 212 -25.22 -5.63 17.33
C ALA A 212 -24.07 -4.83 16.70
N LEU A 213 -22.92 -5.47 16.57
CA LEU A 213 -21.73 -4.88 15.97
C LEU A 213 -21.25 -3.63 16.70
N ASP A 214 -21.58 -3.56 17.99
CA ASP A 214 -21.16 -2.43 18.80
C ASP A 214 -19.61 -2.36 18.94
N ALA A 215 -19.00 -3.51 19.19
CA ALA A 215 -17.55 -3.49 19.38
C ALA A 215 -16.82 -2.92 18.17
N GLU A 216 -17.30 -3.34 16.99
CA GLU A 216 -16.70 -3.01 15.71
C GLU A 216 -16.91 -1.56 15.30
N ALA A 217 -18.04 -1.01 15.69
CA ALA A 217 -18.39 0.35 15.23
C ALA A 217 -18.27 1.47 16.24
N TYR A 218 -18.50 1.19 17.53
CA TYR A 218 -18.51 2.29 18.47
C TYR A 218 -18.20 1.89 19.89
N GLY A 219 -17.56 0.75 20.07
CA GLY A 219 -17.49 0.15 21.39
C GLY A 219 -16.23 0.28 22.23
N VAL A 220 -15.23 1.04 21.82
CA VAL A 220 -13.98 1.10 22.59
C VAL A 220 -14.04 2.19 23.65
N LYS A 221 -13.46 1.87 24.80
CA LYS A 221 -13.26 2.82 25.93
C LYS A 221 -11.77 2.93 26.20
N SER A 222 -11.28 4.13 26.50
CA SER A 222 -9.85 4.31 26.68
C SER A 222 -9.57 5.54 27.52
N THR A 223 -8.32 5.69 27.92
CA THR A 223 -7.86 6.80 28.75
C THR A 223 -7.14 7.81 27.86
N ILE A 224 -6.93 9.00 28.41
CA ILE A 224 -6.22 10.00 27.63
C ILE A 224 -4.75 9.58 27.34
N GLU A 225 -4.15 8.80 28.24
CA GLU A 225 -2.77 8.34 28.04
C GLU A 225 -2.72 7.33 26.90
N ASP A 226 -3.62 6.36 26.94
CA ASP A 226 -3.63 5.37 25.82
C ASP A 226 -3.98 6.02 24.50
N MET A 227 -4.87 7.01 24.52
CA MET A 227 -5.25 7.66 23.27
C MET A 227 -4.11 8.50 22.73
N ALA A 228 -3.35 9.14 23.61
CA ALA A 228 -2.12 9.82 23.20
C ALA A 228 -1.17 8.83 22.52
N ARG A 229 -1.05 7.63 23.09
CA ARG A 229 -0.16 6.63 22.50
C ARG A 229 -0.69 6.12 21.16
N TRP A 230 -2.01 6.04 21.04
CA TRP A 230 -2.65 5.67 19.77
C TRP A 230 -2.30 6.72 18.70
N VAL A 231 -2.42 7.99 19.09
CA VAL A 231 -2.05 9.06 18.16
C VAL A 231 -0.55 8.99 17.76
N GLN A 232 0.33 8.78 18.73
CA GLN A 232 1.78 8.65 18.45
C GLN A 232 2.01 7.50 17.45
N SER A 233 1.30 6.39 17.65
CA SER A 233 1.51 5.20 16.82
C SER A 233 1.05 5.45 15.39
N ASN A 234 -0.04 6.22 15.24
CA ASN A 234 -0.55 6.55 13.90
C ASN A 234 0.22 7.67 13.21
N LEU A 235 0.87 8.53 14.01
CA LEU A 235 1.70 9.60 13.49
C LEU A 235 2.96 9.05 12.88
N LYS A 236 3.48 8.00 13.51
CA LYS A 236 4.81 7.48 13.21
C LYS A 236 4.81 5.95 13.19
N PRO A 237 4.10 5.35 12.22
CA PRO A 237 4.03 3.88 12.24
C PRO A 237 5.35 3.15 12.03
N LEU A 238 6.36 3.79 11.47
CA LEU A 238 7.59 3.05 11.19
C LEU A 238 8.34 2.70 12.49
N ASP A 239 7.98 3.37 13.58
CA ASP A 239 8.53 3.06 14.90
C ASP A 239 7.92 1.81 15.56
N ILE A 240 6.84 1.28 14.99
CA ILE A 240 6.19 0.08 15.51
C ILE A 240 6.93 -1.18 15.10
N ASN A 241 7.29 -2.00 16.06
CA ASN A 241 8.09 -3.18 15.79
C ASN A 241 7.36 -4.32 15.07
N GLU A 242 6.06 -4.48 15.32
CA GLU A 242 5.31 -5.56 14.68
C GLU A 242 5.02 -5.11 13.26
N LYS A 243 5.58 -5.82 12.29
CA LYS A 243 5.49 -5.41 10.89
C LYS A 243 4.07 -5.33 10.36
N THR A 244 3.23 -6.32 10.69
CA THR A 244 1.88 -6.27 10.12
C THR A 244 1.04 -5.13 10.71
N LEU A 245 1.35 -4.72 11.94
CA LEU A 245 0.59 -3.64 12.57
C LEU A 245 1.04 -2.30 11.98
N GLN A 246 2.35 -2.17 11.82
CA GLN A 246 2.91 -1.00 11.12
C GLN A 246 2.25 -0.84 9.76
N GLN A 247 2.20 -1.93 9.02
CA GLN A 247 1.54 -1.94 7.70
C GLN A 247 0.04 -1.66 7.78
N GLY A 248 -0.64 -2.24 8.78
CA GLY A 248 -2.04 -1.93 8.98
C GLY A 248 -2.35 -0.46 9.25
N ILE A 249 -1.49 0.19 10.01
CA ILE A 249 -1.60 1.64 10.23
C ILE A 249 -1.45 2.41 8.92
N GLN A 250 -0.47 2.01 8.13
CA GLN A 250 -0.28 2.65 6.84
C GLN A 250 -1.50 2.47 5.95
N LEU A 251 -2.07 1.24 5.91
CA LEU A 251 -3.22 0.97 5.06
C LEU A 251 -4.45 1.77 5.47
N ALA A 252 -4.61 2.01 6.77
CA ALA A 252 -5.76 2.70 7.28
C ALA A 252 -5.73 4.17 6.92
N GLN A 253 -4.55 4.71 6.65
CA GLN A 253 -4.47 6.11 6.20
C GLN A 253 -4.34 6.25 4.71
N SER A 254 -4.40 5.14 3.96
CA SER A 254 -4.41 5.32 2.52
C SER A 254 -5.71 5.96 2.07
N ARG A 255 -5.66 6.61 0.91
CA ARG A 255 -6.79 7.35 0.40
C ARG A 255 -7.55 6.54 -0.66
N TYR A 256 -8.73 6.07 -0.30
CA TYR A 256 -9.52 5.16 -1.15
C TYR A 256 -10.59 5.83 -2.00
N TRP A 257 -11.19 6.90 -1.45
CA TRP A 257 -12.26 7.64 -2.13
C TRP A 257 -12.13 9.12 -1.79
N GLN A 258 -12.66 9.99 -2.65
CA GLN A 258 -12.68 11.43 -2.40
C GLN A 258 -14.10 11.98 -2.50
N THR A 259 -14.50 12.81 -1.54
CA THR A 259 -15.69 13.63 -1.73
C THR A 259 -15.33 15.00 -1.22
N GLY A 260 -15.47 15.99 -2.09
CA GLY A 260 -15.02 17.34 -1.76
C GLY A 260 -13.53 17.36 -1.44
N ASP A 261 -13.17 17.94 -0.30
CA ASP A 261 -11.78 18.01 0.18
C ASP A 261 -11.41 16.82 1.04
N MET A 262 -12.34 15.90 1.26
CA MET A 262 -12.07 14.81 2.21
C MET A 262 -11.75 13.49 1.50
N TYR A 263 -10.82 12.74 2.07
CA TYR A 263 -10.46 11.42 1.56
C TYR A 263 -10.81 10.41 2.61
N GLN A 264 -11.37 9.29 2.19
CA GLN A 264 -11.76 8.25 3.15
C GLN A 264 -10.68 7.19 3.28
N GLY A 265 -10.21 6.97 4.51
CA GLY A 265 -9.32 5.84 4.83
C GLY A 265 -10.09 4.68 5.41
N LEU A 266 -9.40 3.80 6.15
CA LEU A 266 -10.11 2.75 6.88
C LEU A 266 -10.29 3.27 8.30
N GLY A 267 -11.49 3.78 8.57
CA GLY A 267 -11.78 4.40 9.87
C GLY A 267 -11.36 5.86 9.85
N TRP A 268 -10.06 6.12 9.65
CA TRP A 268 -9.59 7.49 9.57
C TRP A 268 -10.16 8.17 8.34
N GLU A 269 -10.33 9.48 8.47
CA GLU A 269 -10.56 10.38 7.34
C GLU A 269 -9.42 11.38 7.26
N MET A 270 -9.12 11.83 6.05
CA MET A 270 -7.95 12.70 5.83
C MET A 270 -8.27 13.87 4.90
N LEU A 271 -7.60 15.00 5.15
CA LEU A 271 -7.61 16.14 4.21
C LEU A 271 -6.16 16.55 3.97
N ASP A 272 -5.88 17.20 2.84
CA ASP A 272 -4.54 17.69 2.62
C ASP A 272 -4.24 18.79 3.61
N TRP A 273 -3.01 18.78 4.13
CA TRP A 273 -2.49 19.86 5.00
C TRP A 273 -1.56 20.76 4.18
N PRO A 274 -1.72 22.09 4.31
CA PRO A 274 -2.63 22.80 5.22
C PRO A 274 -4.08 22.78 4.80
N VAL A 275 -4.95 22.72 5.79
CA VAL A 275 -6.38 22.58 5.52
C VAL A 275 -7.01 23.93 5.60
N ASN A 276 -8.12 24.07 4.90
CA ASN A 276 -9.04 25.17 5.15
C ASN A 276 -9.83 24.81 6.41
N PRO A 277 -9.66 25.60 7.50
CA PRO A 277 -10.30 25.28 8.77
C PRO A 277 -11.82 25.20 8.65
N ASP A 278 -12.37 26.05 7.78
CA ASP A 278 -13.80 25.97 7.47
C ASP A 278 -14.22 24.63 6.90
N SER A 279 -13.35 24.01 6.11
CA SER A 279 -13.65 22.71 5.53
C SER A 279 -13.78 21.64 6.60
N ILE A 280 -12.80 21.56 7.51
CA ILE A 280 -12.89 20.54 8.55
C ILE A 280 -13.96 20.87 9.61
N ILE A 281 -14.11 22.14 9.95
CA ILE A 281 -15.04 22.49 11.02
C ILE A 281 -16.48 22.28 10.57
N ASN A 282 -16.83 22.89 9.44
CA ASN A 282 -18.20 22.77 8.95
C ASN A 282 -18.46 21.35 8.47
N GLY A 283 -17.43 20.73 7.95
CA GLY A 283 -17.54 19.38 7.41
C GLY A 283 -17.83 18.35 8.48
N SER A 284 -17.46 18.66 9.73
CA SER A 284 -17.65 17.74 10.83
C SER A 284 -19.09 17.71 11.35
N ASP A 285 -19.86 18.73 11.03
CA ASP A 285 -21.25 18.79 11.41
C ASP A 285 -21.95 17.57 10.82
N ASN A 286 -22.74 16.88 11.64
CA ASN A 286 -23.46 15.69 11.19
C ASN A 286 -24.36 15.95 9.99
N LYS A 287 -24.88 17.18 9.87
CA LYS A 287 -25.67 17.53 8.69
C LYS A 287 -24.89 17.30 7.38
N ILE A 288 -23.56 17.34 7.47
CA ILE A 288 -22.70 17.06 6.32
C ILE A 288 -22.06 15.68 6.42
N ALA A 289 -21.57 15.36 7.61
CA ALA A 289 -20.80 14.14 7.83
C ALA A 289 -21.64 12.87 7.60
N LEU A 290 -22.95 13.00 7.73
CA LEU A 290 -23.82 11.84 7.62
C LEU A 290 -24.63 11.78 6.32
N ALA A 291 -24.44 12.77 5.43
CA ALA A 291 -25.15 12.89 4.16
C ALA A 291 -24.72 11.82 3.17
N ALA A 292 -25.54 11.58 2.17
CA ALA A 292 -25.17 10.68 1.07
C ALA A 292 -24.39 11.52 0.08
N ARG A 293 -23.12 11.19 -0.14
CA ARG A 293 -22.29 11.95 -1.08
C ARG A 293 -21.69 11.06 -2.18
N PRO A 294 -21.79 11.48 -3.44
CA PRO A 294 -21.12 10.83 -4.57
C PRO A 294 -19.61 10.81 -4.28
N VAL A 295 -18.92 9.70 -4.53
CA VAL A 295 -17.46 9.65 -4.34
C VAL A 295 -16.70 9.35 -5.63
N LYS A 296 -15.47 9.85 -5.69
CA LYS A 296 -14.53 9.59 -6.77
C LYS A 296 -13.63 8.46 -6.28
N ALA A 297 -13.52 7.39 -7.07
CA ALA A 297 -12.65 6.29 -6.66
C ALA A 297 -11.23 6.77 -6.86
N ILE A 298 -10.34 6.46 -5.91
CA ILE A 298 -8.92 6.72 -6.10
C ILE A 298 -8.29 5.38 -6.48
N THR A 299 -7.95 5.27 -7.76
CA THR A 299 -7.67 3.99 -8.38
C THR A 299 -6.26 4.01 -8.97
N PRO A 300 -5.27 3.40 -8.29
CA PRO A 300 -5.35 2.73 -6.98
C PRO A 300 -5.26 3.72 -5.84
N PRO A 301 -5.52 3.27 -4.62
CA PRO A 301 -5.46 4.22 -3.50
C PRO A 301 -4.09 4.84 -3.31
N THR A 302 -4.06 6.08 -2.84
CA THR A 302 -2.79 6.75 -2.59
C THR A 302 -2.30 6.30 -1.22
N PRO A 303 -1.04 5.86 -1.14
CA PRO A 303 -0.55 5.49 0.19
C PRO A 303 -0.58 6.67 1.15
N ALA A 304 -0.60 6.38 2.46
CA ALA A 304 -0.70 7.43 3.49
C ALA A 304 0.17 8.63 3.18
N VAL A 305 -0.46 9.79 3.10
CA VAL A 305 0.21 11.06 2.78
C VAL A 305 0.60 11.80 4.05
N ARG A 306 1.87 12.15 4.13
CA ARG A 306 2.42 12.76 5.34
C ARG A 306 1.79 14.10 5.63
N ALA A 307 1.64 14.91 4.59
CA ALA A 307 1.06 16.25 4.74
C ALA A 307 -0.48 16.16 4.72
N SER A 308 -1.03 15.60 5.80
CA SER A 308 -2.46 15.37 5.90
C SER A 308 -2.90 15.86 7.27
N TRP A 309 -4.13 16.30 7.34
CA TRP A 309 -4.88 16.41 8.61
C TRP A 309 -5.68 15.12 8.67
N VAL A 310 -5.35 14.25 9.60
CA VAL A 310 -5.99 12.95 9.75
C VAL A 310 -6.85 13.02 10.99
N HIS A 311 -8.12 12.61 10.89
CA HIS A 311 -8.96 12.82 12.08
C HIS A 311 -10.14 11.89 12.14
N LYS A 312 -10.82 11.89 13.28
CA LYS A 312 -12.06 11.16 13.44
C LYS A 312 -12.81 11.74 14.64
N THR A 313 -14.09 12.05 14.41
CA THR A 313 -14.97 12.39 15.55
C THR A 313 -15.73 11.14 16.03
N GLY A 314 -16.20 11.16 17.26
CA GLY A 314 -16.95 10.01 17.73
C GLY A 314 -17.79 10.39 18.91
N ALA A 315 -18.96 9.75 19.04
CA ALA A 315 -19.81 10.00 20.19
C ALA A 315 -20.56 8.76 20.62
N THR A 316 -20.98 8.76 21.88
CA THR A 316 -22.05 7.86 22.31
C THR A 316 -23.13 8.76 22.94
N GLY A 317 -24.19 8.18 23.52
CA GLY A 317 -25.23 9.01 24.11
C GLY A 317 -24.69 10.01 25.14
N GLY A 318 -23.63 9.62 25.85
CA GLY A 318 -23.13 10.42 26.96
C GLY A 318 -21.72 10.95 26.81
N PHE A 319 -21.11 10.77 25.64
CA PHE A 319 -19.69 11.09 25.44
C PHE A 319 -19.44 11.69 24.08
N GLY A 320 -18.42 12.53 24.00
CA GLY A 320 -18.02 13.16 22.75
C GLY A 320 -16.51 13.20 22.65
N SER A 321 -15.96 12.62 21.57
N SER A 321 -15.94 12.67 21.57
CA SER A 321 -14.51 12.52 21.42
CA SER A 321 -14.49 12.54 21.45
C SER A 321 -14.05 13.09 20.07
C SER A 321 -14.01 12.99 20.07
N TYR A 322 -12.75 13.41 20.00
CA TYR A 322 -12.16 13.84 18.74
C TYR A 322 -10.66 13.57 18.78
N VAL A 323 -10.12 13.12 17.64
CA VAL A 323 -8.70 12.91 17.54
C VAL A 323 -8.29 13.49 16.19
N ALA A 324 -7.21 14.26 16.16
CA ALA A 324 -6.65 14.75 14.91
C ALA A 324 -5.12 14.77 14.99
N PHE A 325 -4.45 14.55 13.85
CA PHE A 325 -3.01 14.68 13.83
C PHE A 325 -2.51 15.01 12.44
N ILE A 326 -1.29 15.51 12.43
CA ILE A 326 -0.62 15.94 11.20
C ILE A 326 0.75 15.29 11.17
N PRO A 327 0.89 14.20 10.41
CA PRO A 327 2.16 13.48 10.42
C PRO A 327 3.34 14.36 10.05
N GLU A 328 3.20 15.23 9.05
CA GLU A 328 4.25 16.16 8.63
C GLU A 328 4.81 17.01 9.76
N LYS A 329 3.97 17.32 10.75
CA LYS A 329 4.36 18.23 11.83
C LYS A 329 4.61 17.51 13.15
N GLU A 330 4.43 16.19 13.18
CA GLU A 330 4.65 15.42 14.41
C GLU A 330 3.72 15.95 15.54
N LEU A 331 2.50 16.29 15.14
CA LEU A 331 1.60 17.09 15.97
C LEU A 331 0.24 16.43 16.00
N GLY A 332 -0.34 16.38 17.21
CA GLY A 332 -1.67 15.81 17.29
C GLY A 332 -2.42 16.17 18.54
N ILE A 333 -3.70 15.82 18.59
CA ILE A 333 -4.52 16.12 19.77
C ILE A 333 -5.60 15.07 19.98
N VAL A 334 -5.91 14.78 21.24
CA VAL A 334 -7.03 13.94 21.62
C VAL A 334 -7.86 14.79 22.58
N MET A 335 -9.17 14.85 22.32
CA MET A 335 -10.10 15.57 23.26
C MET A 335 -11.17 14.54 23.64
N LEU A 336 -11.22 14.17 24.94
CA LEU A 336 -12.26 13.22 25.41
C LEU A 336 -13.15 13.92 26.41
N ALA A 337 -14.46 13.88 26.19
CA ALA A 337 -15.43 14.54 27.10
C ALA A 337 -16.55 13.57 27.42
N ASN A 338 -17.08 13.66 28.64
CA ASN A 338 -18.26 12.89 29.02
C ASN A 338 -19.57 13.64 28.83
N LYS A 339 -19.69 14.30 27.67
CA LYS A 339 -20.94 14.83 27.19
C LYS A 339 -20.82 14.83 25.66
N ASN A 340 -21.88 14.42 24.97
CA ASN A 340 -21.91 14.49 23.49
C ASN A 340 -22.27 15.92 23.03
N TYR A 341 -21.26 16.74 22.81
CA TYR A 341 -21.46 18.16 22.43
C TYR A 341 -21.10 18.29 20.95
N PRO A 342 -21.60 19.32 20.25
CA PRO A 342 -21.52 19.34 18.77
C PRO A 342 -20.15 19.17 18.16
N ASN A 343 -20.05 18.33 17.13
CA ASN A 343 -18.78 18.09 16.45
C ASN A 343 -18.02 19.37 16.04
N PRO A 344 -18.70 20.35 15.44
CA PRO A 344 -17.94 21.52 14.98
C PRO A 344 -17.24 22.26 16.11
N ALA A 345 -17.82 22.24 17.31
CA ALA A 345 -17.12 22.83 18.44
C ALA A 345 -15.81 22.08 18.74
N ARG A 346 -15.83 20.75 18.60
CA ARG A 346 -14.62 19.96 18.85
C ARG A 346 -13.56 20.31 17.84
N VAL A 347 -13.95 20.36 16.57
CA VAL A 347 -12.96 20.52 15.52
C VAL A 347 -12.41 21.96 15.55
N ASP A 348 -13.27 22.95 15.81
CA ASP A 348 -12.81 24.31 15.95
C ASP A 348 -11.76 24.44 17.04
N ALA A 349 -12.02 23.86 18.20
CA ALA A 349 -11.04 23.90 19.31
C ALA A 349 -9.74 23.18 18.92
N ALA A 350 -9.87 21.98 18.33
CA ALA A 350 -8.72 21.23 17.90
C ALA A 350 -7.88 22.04 16.89
N TRP A 351 -8.54 22.67 15.90
CA TRP A 351 -7.79 23.45 14.93
C TRP A 351 -7.13 24.69 15.55
N GLN A 352 -7.82 25.34 16.49
CA GLN A 352 -7.24 26.52 17.13
C GLN A 352 -5.97 26.11 17.85
N ILE A 353 -5.99 24.91 18.47
CA ILE A 353 -4.83 24.47 19.22
C ILE A 353 -3.68 24.05 18.28
N LEU A 354 -3.97 23.21 17.30
CA LEU A 354 -2.89 22.71 16.44
C LEU A 354 -2.35 23.83 15.53
N ASN A 355 -3.22 24.72 15.09
CA ASN A 355 -2.76 25.84 14.26
C ASN A 355 -1.79 26.72 15.04
N ALA A 356 -2.03 26.89 16.33
CA ALA A 356 -1.17 27.76 17.12
C ALA A 356 0.20 27.14 17.36
N LEU A 357 0.26 25.81 17.36
CA LEU A 357 1.48 25.08 17.68
C LEU A 357 2.28 24.68 16.44
N GLN A 358 1.66 24.78 15.27
CA GLN A 358 2.30 24.28 14.06
C GLN A 358 3.43 25.20 13.66
N ALA B 1 30.20 -23.54 -2.69
CA ALA B 1 28.75 -23.69 -2.51
C ALA B 1 28.38 -25.07 -1.95
N PRO B 2 27.37 -25.10 -1.05
CA PRO B 2 26.84 -26.34 -0.45
C PRO B 2 26.51 -27.39 -1.50
N GLN B 3 26.67 -28.67 -1.13
CA GLN B 3 26.54 -29.77 -2.07
C GLN B 3 25.21 -29.74 -2.83
N GLN B 4 24.12 -29.55 -2.10
CA GLN B 4 22.79 -29.55 -2.68
C GLN B 4 22.70 -28.49 -3.76
N ILE B 5 23.10 -27.26 -3.45
CA ILE B 5 23.03 -26.18 -4.45
C ILE B 5 23.97 -26.42 -5.64
N ASN B 6 25.23 -26.73 -5.36
CA ASN B 6 26.23 -26.96 -6.38
C ASN B 6 25.77 -28.04 -7.35
N ASP B 7 25.24 -29.12 -6.79
CA ASP B 7 24.79 -30.26 -7.55
C ASP B 7 23.63 -29.91 -8.49
N ILE B 8 22.57 -29.29 -7.97
CA ILE B 8 21.44 -29.00 -8.84
C ILE B 8 21.78 -27.96 -9.90
N VAL B 9 22.57 -26.94 -9.55
CA VAL B 9 22.94 -25.96 -10.55
C VAL B 9 23.77 -26.60 -11.68
N HIS B 10 24.75 -27.41 -11.32
CA HIS B 10 25.64 -28.04 -12.33
C HIS B 10 24.81 -28.98 -13.20
N ARG B 11 23.92 -29.76 -12.60
CA ARG B 11 23.15 -30.70 -13.40
C ARG B 11 22.09 -30.01 -14.27
N THR B 12 21.68 -28.79 -13.93
CA THR B 12 20.64 -28.10 -14.67
C THR B 12 21.17 -27.08 -15.69
N ILE B 13 22.12 -26.25 -15.27
CA ILE B 13 22.64 -25.18 -16.12
C ILE B 13 23.67 -25.67 -17.12
N THR B 14 24.53 -26.59 -16.70
CA THR B 14 25.53 -27.02 -17.66
C THR B 14 24.92 -27.61 -18.95
N PRO B 15 23.91 -28.50 -18.82
CA PRO B 15 23.27 -28.98 -20.06
C PRO B 15 22.52 -27.91 -20.83
N LEU B 16 21.98 -26.91 -20.12
CA LEU B 16 21.28 -25.82 -20.76
C LEU B 16 22.23 -25.09 -21.68
N ILE B 17 23.43 -24.82 -21.17
CA ILE B 17 24.43 -24.09 -21.93
C ILE B 17 24.80 -24.87 -23.20
N GLU B 18 24.90 -26.19 -23.07
CA GLU B 18 25.21 -27.06 -24.21
C GLU B 18 24.09 -27.04 -25.26
N GLN B 19 22.86 -27.26 -24.82
CA GLN B 19 21.70 -27.32 -25.69
C GLN B 19 21.46 -26.01 -26.42
N GLN B 20 21.62 -24.90 -25.69
CA GLN B 20 21.33 -23.60 -26.26
C GLN B 20 22.54 -22.90 -26.90
N LYS B 21 23.72 -23.51 -26.79
CA LYS B 21 24.94 -22.93 -27.32
C LYS B 21 25.17 -21.51 -26.79
N ILE B 22 25.22 -21.40 -25.46
CA ILE B 22 25.40 -20.10 -24.79
C ILE B 22 26.89 -19.88 -24.54
N PRO B 23 27.45 -18.76 -25.03
CA PRO B 23 28.90 -18.54 -24.90
C PRO B 23 29.37 -18.32 -23.46
N GLY B 24 28.58 -17.60 -22.67
CA GLY B 24 28.98 -17.24 -21.32
C GLY B 24 27.75 -17.05 -20.48
N MET B 25 27.86 -17.40 -19.20
CA MET B 25 26.68 -17.38 -18.32
C MET B 25 27.11 -17.19 -16.88
N ALA B 26 26.32 -16.42 -16.11
CA ALA B 26 26.54 -16.30 -14.70
C ALA B 26 25.22 -16.62 -14.03
N VAL B 27 25.28 -17.36 -12.94
CA VAL B 27 24.07 -17.66 -12.19
C VAL B 27 24.31 -17.36 -10.71
N ALA B 28 23.32 -16.80 -10.02
CA ALA B 28 23.38 -16.65 -8.56
C ALA B 28 22.17 -17.37 -8.00
N VAL B 29 22.38 -18.17 -6.97
CA VAL B 29 21.26 -18.72 -6.22
C VAL B 29 21.27 -18.05 -4.84
N ILE B 30 20.12 -17.54 -4.41
CA ILE B 30 20.02 -16.96 -3.10
C ILE B 30 19.33 -18.00 -2.25
N TYR B 31 19.98 -18.44 -1.17
CA TYR B 31 19.45 -19.58 -0.40
C TYR B 31 19.51 -19.20 1.04
N GLN B 32 18.37 -19.33 1.72
CA GLN B 32 18.24 -18.79 3.05
C GLN B 32 18.77 -17.37 3.05
N GLY B 33 18.45 -16.63 1.99
CA GLY B 33 18.89 -15.24 1.93
C GLY B 33 20.36 -14.93 1.60
N LYS B 34 21.23 -15.95 1.46
CA LYS B 34 22.65 -15.74 1.16
C LYS B 34 23.00 -16.17 -0.30
N PRO B 35 23.92 -15.47 -0.98
CA PRO B 35 24.16 -15.80 -2.39
C PRO B 35 25.31 -16.79 -2.69
N TYR B 36 25.11 -17.58 -3.73
CA TYR B 36 26.10 -18.54 -4.23
C TYR B 36 26.21 -18.30 -5.72
N TYR B 37 27.44 -18.19 -6.21
CA TYR B 37 27.68 -17.79 -7.58
C TYR B 37 28.32 -18.87 -8.43
N PHE B 38 27.95 -18.88 -9.70
CA PHE B 38 28.47 -19.86 -10.64
C PHE B 38 28.68 -19.16 -11.94
N THR B 39 29.80 -19.45 -12.58
CA THR B 39 30.05 -18.84 -13.88
C THR B 39 30.62 -19.86 -14.85
N TRP B 40 30.36 -19.63 -16.14
CA TRP B 40 30.81 -20.52 -17.21
C TRP B 40 31.20 -19.71 -18.42
N GLY B 41 32.18 -20.21 -19.16
CA GLY B 41 32.39 -19.67 -20.50
C GLY B 41 32.94 -18.26 -20.62
N TYR B 42 32.61 -17.63 -21.75
CA TYR B 42 33.28 -16.38 -22.16
C TYR B 42 32.38 -15.19 -22.23
N ALA B 43 32.85 -14.10 -21.62
CA ALA B 43 32.29 -12.77 -21.86
C ALA B 43 32.63 -12.21 -23.23
N ASP B 44 33.82 -12.55 -23.74
CA ASP B 44 34.30 -12.07 -25.02
C ASP B 44 34.97 -13.29 -25.64
N ILE B 45 34.37 -13.84 -26.69
CA ILE B 45 34.83 -15.11 -27.26
C ILE B 45 36.18 -14.96 -27.94
N ALA B 46 36.35 -13.86 -28.66
CA ALA B 46 37.60 -13.67 -29.39
C ALA B 46 38.79 -13.49 -28.45
N LYS B 47 38.60 -12.77 -27.36
CA LYS B 47 39.67 -12.54 -26.39
C LYS B 47 39.79 -13.70 -25.42
N LYS B 48 38.83 -14.63 -25.48
CA LYS B 48 38.76 -15.72 -24.52
C LYS B 48 38.82 -15.17 -23.10
N GLN B 49 38.01 -14.14 -22.89
CA GLN B 49 37.87 -13.50 -21.60
C GLN B 49 36.77 -14.20 -20.82
N PRO B 50 37.14 -14.88 -19.72
CA PRO B 50 36.06 -15.56 -18.96
C PRO B 50 35.01 -14.65 -18.31
N VAL B 51 33.82 -15.20 -18.15
CA VAL B 51 32.79 -14.55 -17.35
C VAL B 51 33.31 -14.58 -15.92
N THR B 52 33.15 -13.48 -15.21
CA THR B 52 33.52 -13.44 -13.79
C THR B 52 32.36 -12.78 -13.04
N GLN B 53 32.52 -12.65 -11.74
CA GLN B 53 31.49 -12.03 -10.89
C GLN B 53 31.36 -10.55 -11.22
N GLN B 54 32.35 -10.01 -11.93
CA GLN B 54 32.34 -8.60 -12.32
C GLN B 54 31.88 -8.33 -13.75
N THR B 55 31.53 -9.37 -14.51
CA THR B 55 31.06 -9.16 -15.88
C THR B 55 29.69 -8.46 -15.96
N LEU B 56 29.58 -7.40 -16.74
CA LEU B 56 28.25 -6.78 -16.90
C LEU B 56 27.55 -7.42 -18.08
N PHE B 57 26.27 -7.76 -17.86
CA PHE B 57 25.35 -8.27 -18.88
C PHE B 57 24.25 -7.25 -19.12
N GLU B 58 23.69 -7.21 -20.33
CA GLU B 58 22.52 -6.39 -20.62
C GLU B 58 21.30 -7.12 -20.09
N LEU B 59 20.53 -6.46 -19.22
CA LEU B 59 19.38 -7.11 -18.61
C LEU B 59 18.16 -7.15 -19.49
N GLY B 60 18.16 -6.32 -20.53
CA GLY B 60 16.96 -6.20 -21.35
C GLY B 60 15.76 -5.89 -20.48
N SER B 61 14.63 -6.57 -20.71
CA SER B 61 13.39 -6.25 -19.96
C SER B 61 13.42 -6.50 -18.48
N VAL B 62 14.44 -7.20 -17.97
CA VAL B 62 14.58 -7.25 -16.53
C VAL B 62 14.76 -5.84 -15.94
N SER B 63 15.24 -4.91 -16.75
CA SER B 63 15.28 -3.50 -16.37
C SER B 63 13.94 -2.95 -15.89
N LYS B 64 12.83 -3.48 -16.42
CA LYS B 64 11.50 -3.02 -15.97
C LYS B 64 11.29 -3.19 -14.48
N THR B 65 11.96 -4.15 -13.85
CA THR B 65 11.84 -4.28 -12.41
C THR B 65 12.44 -3.07 -11.69
N PHE B 66 13.55 -2.55 -12.22
CA PHE B 66 14.14 -1.35 -11.62
C PHE B 66 13.23 -0.14 -11.90
N THR B 67 12.69 -0.05 -13.11
CA THR B 67 11.76 1.05 -13.41
C THR B 67 10.52 1.00 -12.49
N GLY B 68 10.01 -0.19 -12.22
CA GLY B 68 8.82 -0.30 -11.36
C GLY B 68 9.11 0.11 -9.92
N VAL B 69 10.25 -0.33 -9.42
CA VAL B 69 10.68 0.04 -8.07
C VAL B 69 10.96 1.55 -7.96
N LEU B 70 11.59 2.15 -8.99
CA LEU B 70 11.86 3.61 -8.96
C LEU B 70 10.52 4.37 -8.97
N GLY B 71 9.55 3.84 -9.71
CA GLY B 71 8.23 4.43 -9.72
C GLY B 71 7.55 4.31 -8.37
N GLY B 72 7.67 3.13 -7.77
CA GLY B 72 7.19 2.88 -6.42
C GLY B 72 7.81 3.86 -5.41
N ASP B 73 9.10 4.11 -5.54
CA ASP B 73 9.80 5.02 -4.63
C ASP B 73 9.28 6.47 -4.80
N ALA B 74 8.95 6.86 -6.04
CA ALA B 74 8.42 8.18 -6.31
C ALA B 74 7.01 8.30 -5.74
N ILE B 75 6.23 7.22 -5.74
CA ILE B 75 4.92 7.26 -5.07
C ILE B 75 5.12 7.46 -3.56
N ALA B 76 6.06 6.71 -2.98
CA ALA B 76 6.31 6.77 -1.55
C ALA B 76 6.82 8.15 -1.10
N ARG B 77 7.55 8.81 -1.99
CA ARG B 77 8.04 10.18 -1.73
C ARG B 77 6.94 11.21 -1.88
N GLY B 78 5.77 10.79 -2.38
CA GLY B 78 4.65 11.71 -2.60
C GLY B 78 4.83 12.56 -3.84
N GLU B 79 5.73 12.13 -4.74
CA GLU B 79 5.96 12.86 -5.99
C GLU B 79 4.95 12.54 -7.09
N ILE B 80 4.46 11.29 -7.13
CA ILE B 80 3.48 10.91 -8.14
C ILE B 80 2.39 10.06 -7.48
N LYS B 81 1.25 9.92 -8.14
CA LYS B 81 0.21 8.94 -7.73
C LYS B 81 -0.15 8.12 -8.94
N LEU B 82 -0.33 6.83 -8.75
CA LEU B 82 -0.70 5.99 -9.90
C LEU B 82 -2.09 6.31 -10.44
N SER B 83 -2.94 6.93 -9.62
CA SER B 83 -4.29 7.31 -10.03
C SER B 83 -4.34 8.56 -10.86
N ASP B 84 -3.21 9.24 -11.00
CA ASP B 84 -3.19 10.49 -11.76
C ASP B 84 -3.22 10.27 -13.26
N PRO B 85 -3.96 11.11 -13.99
CA PRO B 85 -3.91 11.14 -15.45
C PRO B 85 -2.46 11.36 -15.92
N THR B 86 -2.13 10.69 -17.01
CA THR B 86 -0.82 10.85 -17.65
C THR B 86 -0.57 12.34 -17.92
N THR B 87 -1.60 13.03 -18.37
N THR B 87 -1.61 13.01 -18.36
CA THR B 87 -1.46 14.45 -18.78
CA THR B 87 -1.56 14.43 -18.72
C THR B 87 -1.09 15.38 -17.61
C THR B 87 -0.97 15.31 -17.62
N LYS B 88 -1.18 14.89 -16.38
CA LYS B 88 -0.78 15.71 -15.23
C LYS B 88 0.74 15.92 -15.22
N TYR B 89 1.44 14.93 -15.77
CA TYR B 89 2.89 14.94 -15.79
C TYR B 89 3.43 15.29 -17.17
N TRP B 90 2.54 15.40 -18.18
CA TRP B 90 2.94 15.78 -19.54
C TRP B 90 1.85 16.69 -20.09
N PRO B 91 1.91 17.98 -19.74
CA PRO B 91 0.77 18.84 -20.06
C PRO B 91 0.58 19.02 -21.54
N GLU B 92 1.64 18.84 -22.34
CA GLU B 92 1.56 18.92 -23.80
C GLU B 92 0.78 17.75 -24.42
N LEU B 93 0.57 16.68 -23.66
CA LEU B 93 -0.20 15.54 -24.16
C LEU B 93 -1.72 15.80 -24.08
N THR B 94 -2.23 16.53 -25.05
CA THR B 94 -3.59 17.09 -24.96
C THR B 94 -4.64 16.33 -25.77
N ALA B 95 -4.22 15.39 -26.60
CA ALA B 95 -5.21 14.71 -27.45
C ALA B 95 -6.22 13.89 -26.62
N LYS B 96 -7.46 13.88 -27.10
CA LYS B 96 -8.60 13.41 -26.31
C LYS B 96 -8.59 11.95 -25.90
N GLN B 97 -7.87 11.11 -26.63
CA GLN B 97 -7.84 9.69 -26.32
C GLN B 97 -7.06 9.39 -25.03
N TRP B 98 -6.36 10.39 -24.51
CA TRP B 98 -5.57 10.23 -23.27
C TRP B 98 -6.40 10.48 -22.01
N ASN B 99 -7.63 10.96 -22.21
CA ASN B 99 -8.45 11.27 -21.06
C ASN B 99 -8.85 9.93 -20.39
N GLY B 100 -8.48 9.77 -19.12
CA GLY B 100 -8.77 8.54 -18.43
C GLY B 100 -7.63 7.53 -18.42
N ILE B 101 -6.54 7.81 -19.14
CA ILE B 101 -5.37 6.95 -19.08
C ILE B 101 -4.42 7.44 -18.00
N THR B 102 -4.22 6.61 -16.98
CA THR B 102 -3.48 7.06 -15.79
C THR B 102 -2.07 6.47 -15.78
N LEU B 103 -1.23 6.95 -14.86
CA LEU B 103 0.09 6.33 -14.68
C LEU B 103 0.01 4.84 -14.38
N LEU B 104 -0.98 4.40 -13.60
CA LEU B 104 -1.18 2.96 -13.41
C LEU B 104 -1.29 2.21 -14.76
N HIS B 105 -2.09 2.75 -15.67
CA HIS B 105 -2.25 2.07 -16.98
C HIS B 105 -0.94 1.98 -17.70
N LEU B 106 -0.15 3.06 -17.71
CA LEU B 106 1.14 2.99 -18.39
C LEU B 106 2.08 1.96 -17.75
N ALA B 107 2.16 2.00 -16.42
CA ALA B 107 3.06 1.12 -15.68
C ALA B 107 2.75 -0.34 -15.88
N THR B 108 1.48 -0.65 -16.11
CA THR B 108 1.02 -2.05 -16.10
C THR B 108 0.52 -2.58 -17.47
N TYR B 109 0.85 -1.84 -18.52
CA TYR B 109 0.57 -2.19 -19.94
C TYR B 109 -0.93 -2.26 -20.24
N THR B 110 -1.73 -1.48 -19.50
CA THR B 110 -3.18 -1.55 -19.60
C THR B 110 -3.82 -0.27 -20.16
N ALA B 111 -3.03 0.55 -20.83
CA ALA B 111 -3.55 1.81 -21.41
C ALA B 111 -4.51 1.58 -22.59
N GLY B 112 -4.47 0.40 -23.21
CA GLY B 112 -5.35 0.13 -24.32
C GLY B 112 -4.59 -0.17 -25.60
N GLY B 113 -3.44 -0.83 -25.52
CA GLY B 113 -2.79 -1.29 -26.77
C GLY B 113 -1.67 -0.40 -27.29
N LEU B 114 -1.01 0.32 -26.40
CA LEU B 114 0.26 0.98 -26.78
C LEU B 114 1.15 -0.16 -27.32
N PRO B 115 1.93 0.13 -28.35
CA PRO B 115 2.66 -0.94 -29.04
C PRO B 115 3.88 -1.46 -28.28
N LEU B 116 4.24 -2.71 -28.60
CA LEU B 116 5.41 -3.34 -28.00
C LEU B 116 6.65 -2.48 -28.08
N GLN B 117 6.96 -1.97 -29.26
CA GLN B 117 8.09 -1.04 -29.40
C GLN B 117 7.68 0.37 -29.74
N VAL B 118 8.44 1.35 -29.26
CA VAL B 118 8.34 2.70 -29.83
C VAL B 118 8.90 2.56 -31.27
N PRO B 119 8.22 3.14 -32.29
CA PRO B 119 8.71 3.05 -33.68
C PRO B 119 10.18 3.43 -33.77
N ASP B 120 10.94 2.73 -34.60
CA ASP B 120 12.39 2.91 -34.75
CA ASP B 120 12.39 2.92 -34.64
C ASP B 120 12.80 4.36 -34.95
N GLU B 121 12.03 5.06 -35.78
CA GLU B 121 12.35 6.44 -36.18
C GLU B 121 12.15 7.51 -35.11
N VAL B 122 11.52 7.13 -34.00
CA VAL B 122 11.24 8.12 -32.97
C VAL B 122 12.48 8.27 -32.13
N LYS B 123 13.00 9.49 -32.05
CA LYS B 123 14.23 9.70 -31.32
C LYS B 123 14.06 10.77 -30.23
N SER B 124 13.59 11.94 -30.66
CA SER B 124 13.58 13.15 -29.84
C SER B 124 12.33 13.31 -29.03
N SER B 125 12.32 14.29 -28.12
CA SER B 125 11.16 14.52 -27.27
C SER B 125 9.99 14.93 -28.14
N SER B 126 10.32 15.69 -29.18
CA SER B 126 9.36 16.18 -30.15
C SER B 126 8.77 14.98 -30.92
N ASP B 127 9.62 14.08 -31.40
CA ASP B 127 9.09 12.86 -32.03
C ASP B 127 8.24 12.07 -31.07
N LEU B 128 8.64 12.03 -29.80
CA LEU B 128 7.90 11.24 -28.83
C LEU B 128 6.50 11.84 -28.58
N LEU B 129 6.42 13.16 -28.45
CA LEU B 129 5.12 13.81 -28.28
C LEU B 129 4.19 13.48 -29.45
N ARG B 130 4.71 13.61 -30.65
CA ARG B 130 3.91 13.35 -31.86
C ARG B 130 3.44 11.91 -31.85
N PHE B 131 4.32 10.98 -31.50
CA PHE B 131 3.93 9.56 -31.47
C PHE B 131 2.77 9.32 -30.51
N TYR B 132 2.89 9.81 -29.28
CA TYR B 132 1.79 9.60 -28.33
C TYR B 132 0.53 10.39 -28.65
N GLN B 133 0.66 11.58 -29.22
CA GLN B 133 -0.52 12.39 -29.55
C GLN B 133 -1.28 11.72 -30.68
N ASN B 134 -0.54 11.04 -31.54
CA ASN B 134 -1.16 10.37 -32.69
C ASN B 134 -1.65 8.94 -32.46
N TRP B 135 -1.28 8.33 -31.33
CA TRP B 135 -1.63 6.95 -31.05
C TRP B 135 -3.13 6.79 -30.78
N GLN B 136 -3.76 5.84 -31.48
CA GLN B 136 -5.18 5.58 -31.25
C GLN B 136 -5.30 4.21 -30.63
N PRO B 137 -6.02 4.13 -29.52
CA PRO B 137 -6.09 2.86 -28.77
C PRO B 137 -6.85 1.74 -29.47
N ALA B 138 -6.41 0.49 -29.21
CA ALA B 138 -7.09 -0.73 -29.64
C ALA B 138 -8.22 -1.09 -28.69
N TRP B 139 -8.16 -0.63 -27.43
CA TRP B 139 -9.16 -0.98 -26.36
C TRP B 139 -9.30 0.18 -25.40
N ALA B 140 -10.39 0.20 -24.63
CA ALA B 140 -10.54 1.24 -23.59
C ALA B 140 -9.51 1.03 -22.49
N PRO B 141 -9.18 2.11 -21.75
CA PRO B 141 -8.22 1.91 -20.66
C PRO B 141 -8.67 0.87 -19.60
N GLY B 142 -7.70 0.15 -19.04
CA GLY B 142 -7.93 -0.79 -17.96
C GLY B 142 -8.77 -2.00 -18.31
N THR B 143 -8.68 -2.45 -19.55
CA THR B 143 -9.45 -3.62 -20.02
C THR B 143 -8.58 -4.78 -20.52
N GLN B 144 -7.43 -4.45 -21.13
CA GLN B 144 -6.55 -5.46 -21.75
C GLN B 144 -5.11 -5.13 -21.39
N ARG B 145 -4.36 -6.17 -21.04
CA ARG B 145 -2.93 -6.10 -20.84
C ARG B 145 -2.21 -6.51 -22.11
N LEU B 146 -1.36 -5.61 -22.60
CA LEU B 146 -0.50 -5.91 -23.76
C LEU B 146 0.89 -5.39 -23.47
N TYR B 147 1.77 -6.34 -23.18
CA TYR B 147 3.14 -6.00 -22.82
C TYR B 147 3.73 -5.03 -23.81
N ALA B 148 4.30 -3.94 -23.30
CA ALA B 148 4.71 -2.85 -24.19
C ALA B 148 5.79 -1.95 -23.58
N ASN B 149 6.88 -1.83 -24.34
CA ASN B 149 7.95 -0.90 -23.98
C ASN B 149 7.48 0.54 -24.01
N SER B 150 6.60 0.86 -24.95
CA SER B 150 6.10 2.21 -25.11
C SER B 150 5.17 2.60 -23.95
N SER B 151 4.69 1.62 -23.20
CA SER B 151 3.81 1.88 -22.06
C SER B 151 4.64 2.11 -20.81
N ILE B 152 5.31 1.07 -20.32
CA ILE B 152 6.11 1.27 -19.11
C ILE B 152 7.28 2.22 -19.31
N GLY B 153 7.81 2.32 -20.52
CA GLY B 153 8.89 3.29 -20.77
C GLY B 153 8.42 4.73 -20.53
N LEU B 154 7.20 5.07 -20.97
CA LEU B 154 6.64 6.38 -20.75
C LEU B 154 6.35 6.58 -19.27
N PHE B 155 5.86 5.52 -18.59
CA PHE B 155 5.64 5.62 -17.14
C PHE B 155 6.96 6.02 -16.45
N GLY B 156 8.06 5.35 -16.82
CA GLY B 156 9.35 5.67 -16.19
C GLY B 156 9.82 7.10 -16.42
N ALA B 157 9.66 7.56 -17.65
CA ALA B 157 9.99 8.95 -17.98
C ALA B 157 9.18 9.95 -17.16
N LEU B 158 7.87 9.72 -17.07
CA LEU B 158 7.02 10.64 -16.34
C LEU B 158 7.21 10.56 -14.85
N ALA B 159 7.53 9.38 -14.34
CA ALA B 159 7.59 9.15 -12.90
C ALA B 159 8.65 9.96 -12.22
N VAL B 160 9.72 10.30 -12.96
CA VAL B 160 10.80 11.09 -12.42
C VAL B 160 10.65 12.57 -12.71
N LYS B 161 9.63 12.98 -13.48
CA LYS B 161 9.50 14.41 -13.80
C LYS B 161 9.40 15.34 -12.59
N PRO B 162 8.57 14.99 -11.57
CA PRO B 162 8.46 15.94 -10.45
C PRO B 162 9.77 16.11 -9.69
N SER B 163 10.61 15.10 -9.69
CA SER B 163 11.87 15.15 -8.95
C SER B 163 12.84 16.12 -9.60
N GLY B 164 12.62 16.38 -10.89
CA GLY B 164 13.54 17.21 -11.67
C GLY B 164 14.84 16.52 -12.07
N LEU B 165 15.01 15.25 -11.66
CA LEU B 165 16.17 14.47 -12.05
C LEU B 165 15.90 13.79 -13.38
N SER B 166 16.96 13.54 -14.13
CA SER B 166 16.91 12.64 -15.25
C SER B 166 16.62 11.25 -14.75
N PHE B 167 16.05 10.44 -15.62
CA PHE B 167 15.80 9.07 -15.26
C PHE B 167 17.05 8.38 -14.75
N GLU B 168 18.18 8.57 -15.43
CA GLU B 168 19.41 7.87 -15.03
C GLU B 168 19.87 8.35 -13.64
N GLN B 169 19.82 9.66 -13.41
CA GLN B 169 20.29 10.19 -12.11
C GLN B 169 19.33 9.74 -11.02
N ALA B 170 18.02 9.70 -11.31
CA ALA B 170 17.07 9.22 -10.29
C ALA B 170 17.35 7.75 -10.00
N MET B 171 17.51 6.94 -11.05
CA MET B 171 17.75 5.53 -10.83
C MET B 171 19.03 5.32 -10.01
N GLN B 172 20.10 6.01 -10.39
N GLN B 172 20.09 6.02 -10.40
CA GLN B 172 21.38 5.77 -9.74
CA GLN B 172 21.37 5.86 -9.73
C GLN B 172 21.36 6.20 -8.26
C GLN B 172 21.31 6.19 -8.26
N THR B 173 20.78 7.36 -7.97
CA THR B 173 20.87 7.89 -6.62
C THR B 173 19.78 7.32 -5.71
N ARG B 174 18.66 6.88 -6.27
CA ARG B 174 17.53 6.47 -5.45
C ARG B 174 17.38 4.96 -5.35
N VAL B 175 17.97 4.22 -6.30
CA VAL B 175 17.82 2.75 -6.27
C VAL B 175 19.20 2.08 -6.25
N PHE B 176 20.05 2.35 -7.26
CA PHE B 176 21.31 1.61 -7.33
C PHE B 176 22.22 1.85 -6.11
N GLN B 177 22.42 3.12 -5.78
CA GLN B 177 23.35 3.45 -4.69
C GLN B 177 22.87 2.98 -3.28
N PRO B 178 21.60 3.24 -2.89
CA PRO B 178 21.20 2.78 -1.55
C PRO B 178 21.35 1.26 -1.39
N LEU B 179 21.23 0.54 -2.50
CA LEU B 179 21.35 -0.92 -2.46
C LEU B 179 22.76 -1.40 -2.77
N LYS B 180 23.67 -0.43 -2.96
CA LYS B 180 25.09 -0.73 -3.14
C LYS B 180 25.28 -1.61 -4.37
N LEU B 181 24.52 -1.28 -5.42
CA LEU B 181 24.71 -1.94 -6.72
C LEU B 181 25.78 -1.17 -7.43
N ASN B 182 27.03 -1.43 -7.03
CA ASN B 182 28.14 -0.56 -7.39
C ASN B 182 28.70 -0.83 -8.80
N HIS B 183 28.14 -1.82 -9.49
CA HIS B 183 28.57 -2.12 -10.86
C HIS B 183 27.35 -2.30 -11.79
N THR B 184 26.34 -1.48 -11.56
CA THR B 184 25.11 -1.48 -12.30
C THR B 184 24.91 -0.10 -12.95
N TRP B 185 24.68 -0.12 -14.25
CA TRP B 185 24.63 1.11 -15.05
C TRP B 185 23.59 1.11 -16.14
N ILE B 186 23.04 2.29 -16.40
CA ILE B 186 22.26 2.52 -17.62
C ILE B 186 23.21 2.86 -18.77
N ASN B 187 24.20 3.72 -18.49
CA ASN B 187 25.27 3.97 -19.45
C ASN B 187 26.60 3.49 -18.88
N VAL B 188 27.19 2.47 -19.50
CA VAL B 188 28.43 1.89 -19.00
C VAL B 188 29.58 2.86 -19.20
N PRO B 189 30.26 3.23 -18.10
CA PRO B 189 31.32 4.23 -18.16
C PRO B 189 32.62 3.61 -18.64
N PRO B 190 33.59 4.42 -19.12
CA PRO B 190 34.84 3.85 -19.64
C PRO B 190 35.55 2.88 -18.71
N ALA B 191 35.58 3.16 -17.41
CA ALA B 191 36.21 2.23 -16.43
C ALA B 191 35.64 0.84 -16.43
N GLU B 192 34.38 0.68 -16.85
CA GLU B 192 33.72 -0.61 -16.83
C GLU B 192 33.66 -1.29 -18.20
N GLU B 193 34.16 -0.65 -19.24
CA GLU B 193 34.06 -1.22 -20.58
C GLU B 193 34.73 -2.57 -20.65
N LYS B 194 35.87 -2.71 -19.99
CA LYS B 194 36.57 -3.99 -20.02
C LYS B 194 35.79 -5.15 -19.41
N ASN B 195 34.74 -4.85 -18.63
CA ASN B 195 33.95 -5.86 -17.95
C ASN B 195 32.60 -6.08 -18.61
N TYR B 196 32.34 -5.34 -19.67
CA TYR B 196 31.04 -5.42 -20.30
C TYR B 196 31.10 -6.53 -21.32
N ALA B 197 30.35 -7.60 -21.07
CA ALA B 197 30.35 -8.75 -21.96
C ALA B 197 29.87 -8.30 -23.34
N TRP B 198 30.33 -8.96 -24.40
CA TRP B 198 29.64 -8.86 -25.67
C TRP B 198 28.44 -9.77 -25.69
N GLY B 199 27.39 -9.36 -26.39
CA GLY B 199 26.26 -10.26 -26.59
C GLY B 199 26.53 -10.96 -27.89
N TYR B 200 25.92 -12.12 -28.11
CA TYR B 200 26.14 -12.84 -29.36
C TYR B 200 24.84 -13.18 -30.03
N ARG B 201 24.71 -12.77 -31.28
CA ARG B 201 23.52 -13.04 -32.05
C ARG B 201 23.96 -13.56 -33.42
N GLU B 202 23.53 -14.78 -33.75
CA GLU B 202 24.01 -15.47 -34.94
C GLU B 202 25.54 -15.47 -34.90
N GLY B 203 26.09 -15.71 -33.72
CA GLY B 203 27.52 -15.74 -33.52
C GLY B 203 28.27 -14.42 -33.73
N LYS B 204 27.55 -13.32 -33.89
CA LYS B 204 28.19 -12.02 -34.06
C LYS B 204 28.12 -11.22 -32.76
N ALA B 205 29.20 -10.51 -32.42
CA ALA B 205 29.25 -9.74 -31.18
C ALA B 205 28.44 -8.46 -31.30
N VAL B 206 27.46 -8.29 -30.40
CA VAL B 206 26.59 -7.11 -30.42
C VAL B 206 26.32 -6.53 -29.03
N HIS B 207 26.09 -5.22 -29.01
CA HIS B 207 25.56 -4.54 -27.83
C HIS B 207 24.26 -3.87 -28.22
N VAL B 208 23.43 -3.58 -27.23
CA VAL B 208 22.10 -3.03 -27.45
C VAL B 208 22.25 -1.66 -28.12
N SER B 209 21.37 -1.38 -29.08
CA SER B 209 21.38 -0.11 -29.80
C SER B 209 20.57 0.95 -29.06
N PRO B 210 20.93 2.23 -29.25
CA PRO B 210 20.13 3.31 -28.65
C PRO B 210 18.72 3.34 -29.22
N GLY B 211 17.75 3.71 -28.39
CA GLY B 211 16.39 3.82 -28.84
C GLY B 211 15.61 4.69 -27.88
N ALA B 212 14.49 5.23 -28.34
CA ALA B 212 13.69 6.07 -27.46
C ALA B 212 13.19 5.26 -26.26
N LEU B 213 13.28 5.84 -25.07
CA LEU B 213 12.81 5.18 -23.84
C LEU B 213 13.55 3.87 -23.55
N ASP B 214 14.77 3.73 -24.07
CA ASP B 214 15.54 2.52 -23.80
C ASP B 214 15.93 2.33 -22.34
N ALA B 215 16.40 3.41 -21.73
CA ALA B 215 16.77 3.30 -20.31
C ALA B 215 15.63 2.80 -19.44
N GLU B 216 14.43 3.33 -19.69
CA GLU B 216 13.23 3.02 -18.92
C GLU B 216 12.69 1.61 -19.15
N ALA B 217 12.86 1.10 -20.37
CA ALA B 217 12.22 -0.15 -20.76
C ALA B 217 13.19 -1.36 -20.79
N TYR B 218 14.44 -1.12 -21.14
CA TYR B 218 15.32 -2.25 -21.37
C TYR B 218 16.79 -1.98 -21.29
N GLY B 219 17.14 -0.90 -20.59
CA GLY B 219 18.49 -0.34 -20.71
C GLY B 219 19.51 -0.53 -19.58
N VAL B 220 19.23 -1.37 -18.60
CA VAL B 220 20.17 -1.55 -17.48
C VAL B 220 21.18 -2.69 -17.80
N LYS B 221 22.44 -2.47 -17.44
CA LYS B 221 23.48 -3.49 -17.49
C LYS B 221 23.95 -3.74 -16.05
N SER B 222 24.18 -5.00 -15.68
CA SER B 222 24.55 -5.27 -14.29
C SER B 222 25.34 -6.56 -14.20
N THR B 223 25.95 -6.81 -13.05
CA THR B 223 26.73 -8.03 -12.84
C THR B 223 25.95 -9.04 -12.00
N ILE B 224 26.46 -10.28 -11.93
CA ILE B 224 25.76 -11.31 -11.17
C ILE B 224 25.74 -10.95 -9.67
N GLU B 225 26.77 -10.29 -9.19
CA GLU B 225 26.80 -9.90 -7.78
C GLU B 225 25.75 -8.85 -7.48
N ASP B 226 25.69 -7.81 -8.31
CA ASP B 226 24.71 -6.77 -8.05
C ASP B 226 23.32 -7.33 -8.23
N MET B 227 23.14 -8.24 -9.17
CA MET B 227 21.78 -8.77 -9.38
C MET B 227 21.38 -9.66 -8.22
N ALA B 228 22.35 -10.36 -7.64
CA ALA B 228 22.02 -11.16 -6.44
C ALA B 228 21.57 -10.24 -5.33
N ARG B 229 22.22 -9.09 -5.19
CA ARG B 229 21.87 -8.11 -4.15
C ARG B 229 20.47 -7.54 -4.47
N TRP B 230 20.19 -7.35 -5.75
CA TRP B 230 18.84 -6.91 -6.20
C TRP B 230 17.79 -7.91 -5.77
N VAL B 231 18.07 -9.18 -5.97
CA VAL B 231 17.11 -10.21 -5.50
C VAL B 231 16.97 -10.21 -3.98
N GLN B 232 18.09 -10.13 -3.28
CA GLN B 232 18.04 -10.09 -1.82
C GLN B 232 17.18 -8.93 -1.33
N SER B 233 17.28 -7.80 -2.01
CA SER B 233 16.56 -6.60 -1.60
C SER B 233 15.07 -6.75 -1.87
N ASN B 234 14.72 -7.40 -2.97
CA ASN B 234 13.30 -7.61 -3.26
C ASN B 234 12.69 -8.76 -2.49
N LEU B 235 13.51 -9.72 -2.07
CA LEU B 235 13.07 -10.74 -1.12
C LEU B 235 12.73 -10.25 0.26
N LYS B 236 13.48 -9.26 0.73
CA LYS B 236 13.39 -8.78 2.12
C LYS B 236 13.45 -7.27 2.18
N PRO B 237 12.40 -6.59 1.70
CA PRO B 237 12.52 -5.13 1.67
C PRO B 237 12.57 -4.45 3.06
N LEU B 238 12.07 -5.10 4.12
CA LEU B 238 12.09 -4.44 5.43
C LEU B 238 13.52 -4.28 5.97
N ASP B 239 14.49 -4.95 5.35
CA ASP B 239 15.88 -4.76 5.76
C ASP B 239 16.50 -3.51 5.14
N ILE B 240 15.80 -2.91 4.19
CA ILE B 240 16.33 -1.71 3.54
C ILE B 240 16.10 -0.48 4.40
N ASN B 241 17.18 0.30 4.60
CA ASN B 241 17.11 1.46 5.52
C ASN B 241 16.34 2.67 4.98
N GLU B 242 16.42 2.86 3.68
CA GLU B 242 15.77 3.97 3.02
C GLU B 242 14.28 3.69 2.91
N LYS B 243 13.51 4.43 3.70
CA LYS B 243 12.09 4.17 3.86
C LYS B 243 11.32 4.22 2.55
N THR B 244 11.60 5.20 1.70
CA THR B 244 10.80 5.26 0.46
C THR B 244 11.15 4.13 -0.52
N LEU B 245 12.38 3.64 -0.44
CA LEU B 245 12.82 2.59 -1.35
C LEU B 245 12.21 1.26 -0.87
N GLN B 246 12.19 1.08 0.47
CA GLN B 246 11.53 -0.09 1.06
C GLN B 246 10.07 -0.10 0.57
N GLN B 247 9.39 1.04 0.69
CA GLN B 247 7.98 1.12 0.28
C GLN B 247 7.84 0.92 -1.23
N GLY B 248 8.80 1.45 -2.00
CA GLY B 248 8.77 1.31 -3.46
C GLY B 248 8.85 -0.15 -3.90
N ILE B 249 9.70 -0.91 -3.23
CA ILE B 249 9.78 -2.37 -3.48
C ILE B 249 8.48 -3.07 -3.14
N GLN B 250 7.87 -2.66 -2.03
CA GLN B 250 6.56 -3.20 -1.65
C GLN B 250 5.50 -2.90 -2.69
N LEU B 251 5.44 -1.66 -3.17
CA LEU B 251 4.48 -1.25 -4.19
C LEU B 251 4.68 -1.95 -5.52
N ALA B 252 5.93 -2.23 -5.88
CA ALA B 252 6.21 -2.90 -7.16
C ALA B 252 5.79 -4.38 -7.14
N GLN B 253 5.69 -4.99 -5.96
CA GLN B 253 5.20 -6.38 -5.86
C GLN B 253 3.74 -6.47 -5.49
N SER B 254 3.06 -5.34 -5.33
CA SER B 254 1.64 -5.39 -5.11
C SER B 254 0.91 -5.86 -6.38
N ARG B 255 -0.29 -6.41 -6.21
CA ARG B 255 -1.03 -7.05 -7.32
C ARG B 255 -2.12 -6.08 -7.77
N TYR B 256 -1.95 -5.51 -8.98
CA TYR B 256 -2.84 -4.48 -9.56
C TYR B 256 -3.90 -5.06 -10.48
N TRP B 257 -3.54 -6.12 -11.20
CA TRP B 257 -4.41 -6.76 -12.19
C TRP B 257 -4.15 -8.27 -12.17
N GLN B 258 -5.18 -9.04 -12.52
CA GLN B 258 -5.03 -10.47 -12.67
C GLN B 258 -5.39 -10.85 -14.09
N THR B 259 -4.55 -11.70 -14.69
CA THR B 259 -4.91 -12.39 -15.93
C THR B 259 -4.51 -13.86 -15.76
N GLY B 260 -5.46 -14.76 -15.90
CA GLY B 260 -5.19 -16.16 -15.59
C GLY B 260 -4.65 -16.35 -14.19
N ASP B 261 -3.52 -17.06 -14.05
CA ASP B 261 -2.98 -17.22 -12.71
C ASP B 261 -1.89 -16.21 -12.40
N MET B 262 -1.73 -15.18 -13.25
CA MET B 262 -0.67 -14.19 -13.06
C MET B 262 -1.21 -12.84 -12.60
N TYR B 263 -0.42 -12.18 -11.79
CA TYR B 263 -0.77 -10.85 -11.27
C TYR B 263 0.30 -9.91 -11.74
N GLN B 264 -0.14 -8.75 -12.22
CA GLN B 264 0.81 -7.73 -12.72
C GLN B 264 1.17 -6.74 -11.60
N GLY B 265 2.47 -6.62 -11.34
CA GLY B 265 3.02 -5.62 -10.39
C GLY B 265 3.57 -4.45 -11.19
N LEU B 266 4.47 -3.67 -10.59
CA LEU B 266 5.18 -2.61 -11.31
C LEU B 266 6.50 -3.22 -11.77
N GLY B 267 6.53 -3.62 -13.04
CA GLY B 267 7.71 -4.32 -13.58
C GLY B 267 7.68 -5.82 -13.22
N TRP B 268 7.68 -6.13 -11.94
CA TRP B 268 7.54 -7.53 -11.51
C TRP B 268 6.20 -8.12 -11.94
N GLU B 269 6.22 -9.43 -12.21
CA GLU B 269 4.97 -10.24 -12.30
C GLU B 269 5.00 -11.31 -11.23
N MET B 270 3.82 -11.72 -10.77
CA MET B 270 3.71 -12.61 -9.60
C MET B 270 2.65 -13.68 -9.83
N LEU B 271 2.91 -14.84 -9.25
CA LEU B 271 1.92 -15.90 -9.17
C LEU B 271 1.91 -16.41 -7.74
N ASP B 272 0.79 -16.96 -7.27
CA ASP B 272 0.80 -17.61 -5.95
C ASP B 272 1.77 -18.79 -5.87
N TRP B 273 2.42 -18.94 -4.73
CA TRP B 273 3.26 -20.11 -4.44
C TRP B 273 2.53 -21.01 -3.49
N PRO B 274 2.55 -22.34 -3.77
CA PRO B 274 3.29 -22.98 -4.86
C PRO B 274 2.64 -22.75 -6.21
N VAL B 275 3.46 -22.79 -7.24
CA VAL B 275 3.06 -22.41 -8.58
C VAL B 275 2.97 -23.70 -9.41
N ASN B 276 2.15 -23.66 -10.45
CA ASN B 276 2.11 -24.69 -11.46
C ASN B 276 3.24 -24.39 -12.45
N PRO B 277 4.29 -25.24 -12.48
CA PRO B 277 5.43 -24.92 -13.34
C PRO B 277 4.99 -24.84 -14.82
N ASP B 278 3.97 -25.60 -15.22
CA ASP B 278 3.46 -25.46 -16.59
C ASP B 278 3.06 -24.06 -16.91
N SER B 279 2.34 -23.45 -15.98
CA SER B 279 1.84 -22.12 -16.13
C SER B 279 2.96 -21.09 -16.37
N ILE B 280 4.01 -21.10 -15.54
CA ILE B 280 5.09 -20.15 -15.74
C ILE B 280 5.99 -20.48 -16.93
N ILE B 281 6.22 -21.77 -17.16
CA ILE B 281 7.11 -22.12 -18.26
C ILE B 281 6.41 -21.81 -19.57
N ASN B 282 5.20 -22.36 -19.74
CA ASN B 282 4.48 -22.14 -20.99
C ASN B 282 4.11 -20.67 -21.15
N GLY B 283 3.77 -20.02 -20.03
CA GLY B 283 3.33 -18.64 -20.10
C GLY B 283 4.46 -17.69 -20.48
N SER B 284 5.70 -18.16 -20.37
CA SER B 284 6.87 -17.30 -20.63
C SER B 284 7.16 -17.24 -22.12
N ASP B 285 6.61 -18.18 -22.87
CA ASP B 285 6.80 -18.19 -24.31
C ASP B 285 6.19 -16.90 -24.86
N ASN B 286 6.94 -16.20 -25.73
CA ASN B 286 6.43 -14.92 -26.23
C ASN B 286 5.10 -15.02 -26.98
N LYS B 287 4.71 -16.19 -27.48
CA LYS B 287 3.40 -16.33 -28.09
C LYS B 287 2.29 -15.97 -27.10
N ILE B 288 2.51 -16.26 -25.82
CA ILE B 288 1.56 -15.95 -24.77
C ILE B 288 1.91 -14.65 -24.08
N ALA B 289 3.18 -14.50 -23.73
CA ALA B 289 3.60 -13.35 -22.92
C ALA B 289 3.38 -12.02 -23.60
N LEU B 290 3.50 -11.99 -24.93
CA LEU B 290 3.36 -10.74 -25.67
C LEU B 290 1.97 -10.56 -26.27
N ALA B 291 1.05 -11.48 -26.00
CA ALA B 291 -0.31 -11.38 -26.51
C ALA B 291 -1.25 -10.59 -25.57
N ALA B 292 -2.23 -9.91 -26.16
CA ALA B 292 -3.22 -9.20 -25.32
C ALA B 292 -4.01 -10.21 -24.49
N ARG B 293 -4.29 -9.86 -23.25
CA ARG B 293 -5.12 -10.71 -22.37
C ARG B 293 -6.03 -9.78 -21.59
N PRO B 294 -7.30 -10.17 -21.41
CA PRO B 294 -8.18 -9.32 -20.60
C PRO B 294 -7.74 -9.33 -19.16
N VAL B 295 -7.85 -8.18 -18.49
CA VAL B 295 -7.49 -8.11 -17.08
C VAL B 295 -8.70 -7.88 -16.16
N LYS B 296 -8.56 -8.45 -14.96
CA LYS B 296 -9.49 -8.11 -13.87
C LYS B 296 -8.77 -7.14 -12.95
N ALA B 297 -9.39 -6.01 -12.70
CA ALA B 297 -8.83 -5.05 -11.75
C ALA B 297 -8.84 -5.63 -10.35
N ILE B 298 -7.75 -5.43 -9.62
CA ILE B 298 -7.74 -5.82 -8.22
C ILE B 298 -7.90 -4.49 -7.43
N THR B 299 -9.10 -4.31 -6.87
CA THR B 299 -9.51 -3.01 -6.38
C THR B 299 -9.81 -3.14 -4.89
N PRO B 300 -8.91 -2.68 -4.03
CA PRO B 300 -7.63 -2.04 -4.29
C PRO B 300 -6.53 -3.07 -4.44
N PRO B 301 -5.35 -2.65 -4.89
CA PRO B 301 -4.32 -3.66 -5.11
C PRO B 301 -3.94 -4.37 -3.81
N THR B 302 -3.57 -5.65 -3.96
CA THR B 302 -3.20 -6.43 -2.81
C THR B 302 -1.75 -6.12 -2.52
N PRO B 303 -1.43 -5.81 -1.28
CA PRO B 303 -0.03 -5.56 -0.97
C PRO B 303 0.80 -6.81 -1.18
N ALA B 304 2.09 -6.63 -1.46
CA ALA B 304 3.00 -7.76 -1.76
C ALA B 304 2.77 -9.00 -0.93
N VAL B 305 2.50 -10.08 -1.66
CA VAL B 305 2.18 -11.34 -1.00
C VAL B 305 3.45 -12.16 -0.84
N ARG B 306 3.71 -12.57 0.38
CA ARG B 306 4.93 -13.32 0.69
C ARG B 306 4.98 -14.66 -0.03
N ALA B 307 3.88 -15.38 -0.02
CA ALA B 307 3.79 -16.67 -0.74
C ALA B 307 3.56 -16.44 -2.25
N SER B 308 4.59 -15.94 -2.92
CA SER B 308 4.54 -15.67 -4.36
C SER B 308 5.77 -16.20 -5.01
N TRP B 309 5.61 -16.60 -6.27
CA TRP B 309 6.71 -16.71 -7.23
C TRP B 309 6.73 -15.35 -7.95
N VAL B 310 7.79 -14.58 -7.74
CA VAL B 310 7.93 -13.26 -8.36
C VAL B 310 9.03 -13.37 -9.37
N HIS B 311 8.81 -12.82 -10.57
CA HIS B 311 9.80 -13.06 -11.63
C HIS B 311 9.72 -12.08 -12.77
N LYS B 312 10.74 -12.14 -13.63
CA LYS B 312 10.77 -11.35 -14.85
C LYS B 312 11.80 -11.91 -15.82
N THR B 313 11.38 -12.11 -17.07
CA THR B 313 12.31 -12.47 -18.15
C THR B 313 12.80 -11.19 -18.82
N GLY B 314 13.96 -11.22 -19.46
CA GLY B 314 14.36 -10.05 -20.23
C GLY B 314 15.41 -10.42 -21.26
N ALA B 315 15.40 -9.71 -22.39
CA ALA B 315 16.42 -9.99 -23.39
C ALA B 315 16.80 -8.72 -24.14
N THR B 316 17.94 -8.77 -24.80
CA THR B 316 18.27 -7.82 -25.86
C THR B 316 18.67 -8.65 -27.06
N GLY B 317 19.12 -8.01 -28.14
CA GLY B 317 19.56 -8.77 -29.31
C GLY B 317 20.59 -9.84 -28.97
N GLY B 318 21.51 -9.56 -28.04
CA GLY B 318 22.59 -10.50 -27.76
C GLY B 318 22.60 -11.12 -26.36
N PHE B 319 21.55 -10.89 -25.58
CA PHE B 319 21.54 -11.35 -24.18
C PHE B 319 20.18 -11.92 -23.79
N GLY B 320 20.18 -12.81 -22.80
CA GLY B 320 18.95 -13.36 -22.27
C GLY B 320 19.10 -13.51 -20.76
N SER B 321 18.15 -12.92 -19.99
CA SER B 321 18.20 -12.92 -18.52
C SER B 321 16.89 -13.38 -17.89
N TYR B 322 17.00 -13.84 -16.65
CA TYR B 322 15.79 -14.22 -15.90
C TYR B 322 16.09 -14.05 -14.43
N VAL B 323 15.10 -13.52 -13.72
CA VAL B 323 15.18 -13.44 -12.26
C VAL B 323 13.89 -14.00 -11.68
N ALA B 324 13.99 -14.81 -10.63
CA ALA B 324 12.78 -15.32 -9.94
C ALA B 324 13.07 -15.50 -8.47
N PHE B 325 12.07 -15.28 -7.63
CA PHE B 325 12.32 -15.45 -6.19
C PHE B 325 11.03 -15.70 -5.45
N ILE B 326 11.15 -16.31 -4.29
CA ILE B 326 9.99 -16.70 -3.49
C ILE B 326 10.20 -16.16 -2.08
N PRO B 327 9.54 -15.04 -1.76
CA PRO B 327 9.82 -14.43 -0.45
C PRO B 327 9.56 -15.39 0.73
N GLU B 328 8.48 -16.16 0.68
CA GLU B 328 8.15 -17.14 1.74
C GLU B 328 9.33 -18.08 2.06
N LYS B 329 10.14 -18.37 1.04
CA LYS B 329 11.24 -19.36 1.15
C LYS B 329 12.65 -18.76 1.27
N GLU B 330 12.76 -17.45 1.20
CA GLU B 330 14.06 -16.72 1.25
C GLU B 330 14.94 -17.28 0.14
N LEU B 331 14.32 -17.56 -1.01
CA LEU B 331 14.97 -18.34 -2.08
C LEU B 331 14.89 -17.56 -3.37
N GLY B 332 15.98 -17.51 -4.16
CA GLY B 332 15.90 -16.84 -5.43
C GLY B 332 16.99 -17.23 -6.40
N ILE B 333 16.83 -16.81 -7.66
CA ILE B 333 17.82 -17.13 -8.69
C ILE B 333 17.94 -15.97 -9.69
N VAL B 334 19.16 -15.75 -10.17
CA VAL B 334 19.42 -14.85 -11.29
C VAL B 334 20.18 -15.66 -12.33
N MET B 335 19.75 -15.60 -13.59
CA MET B 335 20.46 -16.26 -14.70
C MET B 335 20.75 -15.22 -15.75
N LEU B 336 22.03 -14.93 -15.99
CA LEU B 336 22.44 -13.94 -16.99
C LEU B 336 23.27 -14.63 -18.07
N ALA B 337 22.88 -14.44 -19.32
CA ALA B 337 23.60 -15.06 -20.43
C ALA B 337 23.82 -14.09 -21.54
N ASN B 338 24.97 -14.23 -22.21
CA ASN B 338 25.21 -13.39 -23.39
C ASN B 338 24.80 -14.06 -24.70
N LYS B 339 23.58 -14.59 -24.69
CA LYS B 339 22.87 -15.00 -25.89
C LYS B 339 21.38 -14.97 -25.55
N ASN B 340 20.56 -14.46 -26.47
CA ASN B 340 19.12 -14.50 -26.28
C ASN B 340 18.57 -15.88 -26.66
N TYR B 341 18.36 -16.73 -25.68
CA TYR B 341 17.82 -18.08 -25.92
C TYR B 341 16.36 -18.13 -25.35
N PRO B 342 15.53 -19.10 -25.76
CA PRO B 342 14.09 -19.03 -25.48
C PRO B 342 13.69 -18.91 -24.01
N ASN B 343 12.79 -17.97 -23.72
CA ASN B 343 12.26 -17.84 -22.37
C ASN B 343 11.91 -19.16 -21.67
N PRO B 344 11.16 -20.06 -22.34
CA PRO B 344 10.75 -21.21 -21.52
C PRO B 344 11.91 -22.09 -21.03
N ALA B 345 13.01 -22.09 -21.76
CA ALA B 345 14.20 -22.78 -21.31
C ALA B 345 14.78 -22.16 -20.03
N ARG B 346 14.73 -20.83 -19.94
CA ARG B 346 15.20 -20.14 -18.73
C ARG B 346 14.34 -20.52 -17.55
N VAL B 347 13.02 -20.47 -17.75
CA VAL B 347 12.09 -20.63 -16.64
C VAL B 347 12.11 -22.10 -16.16
N ASP B 348 12.18 -23.04 -17.10
CA ASP B 348 12.29 -24.43 -16.75
C ASP B 348 13.52 -24.71 -15.90
N ALA B 349 14.67 -24.14 -16.29
CA ALA B 349 15.90 -24.33 -15.53
C ALA B 349 15.74 -23.72 -14.13
N ALA B 350 15.23 -22.49 -14.06
CA ALA B 350 15.04 -21.83 -12.79
C ALA B 350 14.11 -22.64 -11.89
N TRP B 351 13.04 -23.16 -12.48
CA TRP B 351 12.09 -24.02 -11.74
C TRP B 351 12.75 -25.25 -11.14
N GLN B 352 13.57 -25.93 -11.94
CA GLN B 352 14.24 -27.17 -11.51
C GLN B 352 15.12 -26.85 -10.30
N ILE B 353 15.81 -25.72 -10.36
CA ILE B 353 16.71 -25.38 -9.29
C ILE B 353 15.95 -24.96 -8.03
N LEU B 354 15.02 -24.01 -8.13
CA LEU B 354 14.34 -23.56 -6.92
C LEU B 354 13.44 -24.64 -6.30
N ASN B 355 12.79 -25.45 -7.15
CA ASN B 355 11.91 -26.50 -6.65
C ASN B 355 12.72 -27.53 -5.85
N ALA B 356 13.94 -27.82 -6.31
CA ALA B 356 14.84 -28.76 -5.61
C ALA B 356 15.24 -28.21 -4.23
N LEU B 357 15.32 -26.89 -4.11
CA LEU B 357 15.89 -26.29 -2.92
C LEU B 357 14.86 -25.83 -1.91
N GLN B 358 13.60 -25.70 -2.32
CA GLN B 358 12.62 -25.14 -1.40
C GLN B 358 12.22 -26.16 -0.36
C01 NZ9 C . 0.81 -1.48 -1.43
C02 NZ9 C . -0.33 -1.82 -2.03
S03 NZ9 C . -1.63 -0.89 -1.39
C04 NZ9 C . -0.56 0.11 -0.54
C05 NZ9 C . 0.77 -0.29 -0.60
S06 NZ9 C . 2.13 0.41 0.09
O07 NZ9 C . 2.30 1.76 -0.33
O08 NZ9 C . 3.20 -0.51 -0.05
N09 NZ9 C . 2.12 0.68 1.76
C10 NZ9 C . 1.59 -0.21 2.72
C11 NZ9 C . 0.67 -1.29 2.24
C12 NZ9 C . 2.09 -1.63 2.66
C13 NZ9 C . -1.22 1.26 0.28
O14 NZ9 C . -2.36 1.61 0.03
O15 NZ9 C . -0.43 1.66 1.15
C01 NZ9 D . -26.53 18.82 34.61
C02 NZ9 D . -27.75 19.39 34.46
S03 NZ9 D . -27.97 19.93 32.87
C04 NZ9 D . -26.42 19.42 32.40
C05 NZ9 D . -25.72 18.82 33.42
S06 NZ9 D . -24.21 18.23 33.28
O07 NZ9 D . -24.11 17.17 32.34
O08 NZ9 D . -23.72 18.02 34.60
N09 NZ9 D . -23.18 19.44 32.70
C10 NZ9 D . -22.02 19.88 33.43
C11 NZ9 D . -21.57 21.35 33.43
C12 NZ9 D . -22.20 20.75 34.67
C13 NZ9 D . -26.04 19.67 30.92
O14 NZ9 D . -27.08 19.90 30.23
O15 NZ9 D . -24.89 19.41 30.53
C01 NZ9 E . -17.34 13.27 -6.33
C02 NZ9 E . -17.93 12.45 -7.23
S03 NZ9 E . -17.14 12.48 -8.76
C04 NZ9 E . -16.02 13.63 -8.18
C05 NZ9 E . -16.20 14.01 -6.84
S06 NZ9 E . -15.33 15.07 -5.96
O07 NZ9 E . -16.12 15.52 -4.85
O08 NZ9 E . -14.01 14.59 -5.76
N09 NZ9 E . -15.15 16.48 -6.88
C10 NZ9 E . -16.13 17.53 -6.76
C11 NZ9 E . -15.86 18.81 -5.99
C12 NZ9 E . -15.99 18.86 -7.50
C13 NZ9 E . -14.97 14.03 -9.25
O14 NZ9 E . -15.07 13.47 -10.34
O15 NZ9 E . -14.05 14.77 -8.82
C01 NZ9 F . -23.71 7.88 14.27
C02 NZ9 F . -23.53 8.98 13.49
S03 NZ9 F . -22.19 9.89 14.05
C04 NZ9 F . -21.88 8.79 15.32
C05 NZ9 F . -22.76 7.73 15.36
S06 NZ9 F . -22.79 6.53 16.45
O07 NZ9 F . -24.04 5.86 16.36
O08 NZ9 F . -21.61 5.78 16.46
N09 NZ9 F . -22.90 7.22 18.01
C10 NZ9 F . -24.04 8.08 18.30
C11 NZ9 F . -24.60 8.24 19.71
C12 NZ9 F . -23.88 9.39 19.06
C13 NZ9 F . -20.69 9.21 16.22
O14 NZ9 F . -20.15 8.32 16.94
O15 NZ9 F . -20.25 10.32 16.02
C01 NZ9 G . -25.54 3.89 19.17
C02 NZ9 G . -24.25 4.27 19.22
S03 NZ9 G . -23.76 4.65 20.81
C04 NZ9 G . -25.31 4.33 21.42
C05 NZ9 G . -26.21 3.92 20.46
S06 NZ9 G . -27.77 3.54 20.77
O07 NZ9 G . -27.91 2.20 21.23
O08 NZ9 G . -28.42 4.58 21.49
N09 NZ9 G . -28.63 3.57 19.32
C10 NZ9 G . -29.26 4.77 18.82
C11 NZ9 G . -29.16 5.18 17.36
C12 NZ9 G . -28.38 5.96 18.41
C13 NZ9 G . -25.50 4.52 22.95
O14 NZ9 G . -26.19 3.58 23.48
O15 NZ9 G . -25.01 5.51 23.50
P PO4 H . -4.89 20.40 35.02
O1 PO4 H . -5.70 19.64 36.09
O2 PO4 H . -4.47 19.46 33.95
O3 PO4 H . -3.62 20.90 35.69
O4 PO4 H . -5.80 21.46 34.40
C01 NZ9 I . 10.15 -7.26 -26.20
C02 NZ9 I . 9.31 -8.31 -25.97
S03 NZ9 I . 9.96 -9.34 -24.78
C04 NZ9 I . 11.35 -8.38 -24.59
C05 NZ9 I . 11.34 -7.26 -25.41
S06 NZ9 I . 12.56 -6.16 -25.49
O07 NZ9 I . 12.76 -5.42 -24.32
O08 NZ9 I . 12.21 -5.42 -26.67
N09 NZ9 I . 13.98 -6.95 -25.87
C10 NZ9 I . 13.98 -8.01 -26.86
C11 NZ9 I . 13.97 -7.67 -28.35
C12 NZ9 I . 15.23 -8.23 -27.71
C13 NZ9 I . 12.40 -8.87 -23.57
O14 NZ9 I . 12.17 -10.06 -23.22
O15 NZ9 I . 13.29 -8.11 -23.17
C01 NZ9 J . 7.42 -7.52 0.54
C02 NZ9 J . 7.68 -8.54 -0.31
S03 NZ9 J . 7.51 -10.04 0.47
C04 NZ9 J . 7.08 -9.29 1.93
C05 NZ9 J . 7.08 -7.90 1.88
S06 NZ9 J . 6.75 -6.86 3.11
O07 NZ9 J . 6.89 -5.53 2.60
O08 NZ9 J . 7.47 -7.23 4.26
N09 NZ9 J . 5.11 -7.00 3.48
C10 NZ9 J . 4.17 -6.79 2.39
C11 NZ9 J . 3.89 -5.39 1.82
C12 NZ9 J . 2.80 -6.16 2.56
C13 NZ9 J . 6.77 -10.23 3.10
O14 NZ9 J . 7.49 -11.27 3.06
O15 NZ9 J . 5.91 -9.87 3.92
C01 NZ9 K . 14.91 -3.47 -28.73
C02 NZ9 K . 15.10 -3.93 -27.46
S03 NZ9 K . 16.69 -4.47 -27.22
C04 NZ9 K . 17.15 -4.06 -28.81
C05 NZ9 K . 16.10 -3.53 -29.54
S06 NZ9 K . 16.20 -3.03 -31.09
O07 NZ9 K . 17.04 -3.84 -31.90
O08 NZ9 K . 16.41 -1.62 -31.13
N09 NZ9 K . 14.62 -3.19 -31.72
C10 NZ9 K . 14.02 -4.42 -32.20
C11 NZ9 K . 14.75 -5.52 -32.95
C12 NZ9 K . 14.39 -5.74 -31.50
C13 NZ9 K . 18.63 -4.32 -29.19
O14 NZ9 K . 19.23 -5.28 -28.69
O15 NZ9 K . 19.12 -3.41 -29.93
#